data_5QA9
#
_entry.id   5QA9
#
_cell.length_a   88.981
_cell.length_b   108.447
_cell.length_c   124.139
_cell.angle_alpha   90.000
_cell.angle_beta   90.000
_cell.angle_gamma   90.000
#
_symmetry.space_group_name_H-M   'P 21 21 21'
#
loop_
_entity.id
_entity.type
_entity.pdbx_description
1 polymer Beta-lactamase
2 non-polymer '3-[3-(hydroxymethyl)phenyl]benzoic acid'
3 non-polymer 'CHLORIDE ION'
4 non-polymer 1,2-ETHANEDIOL
5 water water
#
_entity_poly.entity_id   1
_entity_poly.type   'polypeptide(L)'
_entity_poly.pdbx_seq_one_letter_code
;KEWQENKSWNAHFTEHKSQGVVVLWNENKQQGFTNNLKRANQAFLPASTF(KCX)IPNSLIALDLGVVKDEHQVFKWDGQ
TRDIATWNRDHNLITAMKYSVVPVYQEFARQIGEARMSKMLHAFDYGNEDISGNVDSFWLDGGIRISATEQISFLRKLYH
NKLHVSERSQRIVKQAMLTEANGDYIIRAKTGYSTRIEPKIGWWVGWVELDDNVWFFAMNMDMPTSDGLGLRQAITKEVL
KQEKIIP
;
_entity_poly.pdbx_strand_id   A,B,C,D
#
loop_
_chem_comp.id
_chem_comp.type
_chem_comp.name
_chem_comp.formula
CL non-polymer 'CHLORIDE ION' 'Cl -1'
EDO non-polymer 1,2-ETHANEDIOL 'C2 H6 O2'
QKU non-polymer '3-[3-(hydroxymethyl)phenyl]benzoic acid' 'C14 H12 O3'
#
# COMPACT_ATOMS: atom_id res chain seq x y z
N GLU A 2 -50.63 -17.03 2.80
CA GLU A 2 -50.69 -17.78 1.54
C GLU A 2 -49.36 -17.71 0.81
N TRP A 3 -48.65 -18.83 0.80
CA TRP A 3 -47.33 -18.94 0.19
C TRP A 3 -47.37 -19.88 -1.00
N GLN A 4 -46.62 -19.52 -2.04
CA GLN A 4 -46.58 -20.28 -3.28
C GLN A 4 -45.13 -20.54 -3.67
N GLU A 5 -44.82 -21.79 -4.04
CA GLU A 5 -43.47 -22.18 -4.43
C GLU A 5 -43.42 -22.29 -5.95
N ASN A 6 -42.49 -21.55 -6.56
CA ASN A 6 -42.31 -21.52 -8.00
C ASN A 6 -40.88 -21.97 -8.29
N LYS A 7 -40.69 -23.27 -8.49
CA LYS A 7 -39.35 -23.81 -8.75
C LYS A 7 -38.80 -23.39 -10.10
N SER A 8 -39.62 -22.80 -10.98
CA SER A 8 -39.11 -22.35 -12.27
C SER A 8 -38.06 -21.27 -12.11
N TRP A 9 -38.10 -20.51 -11.01
CA TRP A 9 -37.09 -19.49 -10.77
C TRP A 9 -35.71 -20.10 -10.55
N ASN A 10 -35.63 -21.39 -10.19
CA ASN A 10 -34.33 -22.02 -10.00
C ASN A 10 -33.45 -21.85 -11.23
N ALA A 11 -34.05 -21.71 -12.40
CA ALA A 11 -33.28 -21.50 -13.62
C ALA A 11 -32.41 -20.24 -13.50
N HIS A 12 -32.90 -19.21 -12.82
CA HIS A 12 -32.12 -17.98 -12.70
C HIS A 12 -30.84 -18.21 -11.91
N PHE A 13 -30.85 -19.15 -10.98
CA PHE A 13 -29.66 -19.49 -10.22
C PHE A 13 -28.78 -20.51 -10.94
N THR A 14 -29.39 -21.62 -11.40
CA THR A 14 -28.60 -22.70 -12.02
C THR A 14 -27.92 -22.22 -13.30
N GLU A 15 -28.59 -21.35 -14.06
CA GLU A 15 -27.99 -20.82 -15.29
C GLU A 15 -26.69 -20.07 -15.01
N HIS A 16 -26.50 -19.59 -13.78
CA HIS A 16 -25.26 -18.92 -13.36
C HIS A 16 -24.43 -19.81 -12.42
N LYS A 17 -24.59 -21.12 -12.53
CA LYS A 17 -23.81 -22.08 -11.76
C LYS A 17 -23.92 -21.84 -10.26
N SER A 18 -25.06 -21.35 -9.79
CA SER A 18 -25.24 -21.02 -8.38
C SER A 18 -26.52 -21.63 -7.83
N GLN A 19 -26.69 -21.48 -6.52
CA GLN A 19 -27.88 -21.92 -5.79
C GLN A 19 -28.29 -20.82 -4.83
N GLY A 20 -29.59 -20.64 -4.66
CA GLY A 20 -30.07 -19.61 -3.77
C GLY A 20 -31.58 -19.57 -3.72
N VAL A 21 -32.10 -18.54 -3.07
CA VAL A 21 -33.54 -18.36 -2.91
C VAL A 21 -33.88 -16.89 -3.14
N VAL A 22 -35.00 -16.67 -3.82
CA VAL A 22 -35.66 -15.37 -3.89
C VAL A 22 -37.01 -15.51 -3.21
N VAL A 23 -37.33 -14.56 -2.34
CA VAL A 23 -38.65 -14.48 -1.71
C VAL A 23 -39.25 -13.13 -2.08
N LEU A 24 -40.47 -13.16 -2.60
CA LEU A 24 -41.22 -11.96 -2.94
C LEU A 24 -42.49 -11.92 -2.10
N TRP A 25 -42.91 -10.71 -1.74
CA TRP A 25 -44.16 -10.51 -1.01
C TRP A 25 -44.95 -9.41 -1.68
N ASN A 26 -46.15 -9.75 -2.15
CA ASN A 26 -47.07 -8.79 -2.77
C ASN A 26 -47.88 -8.14 -1.66
N GLU A 27 -47.59 -6.87 -1.37
CA GLU A 27 -48.21 -6.22 -0.22
C GLU A 27 -49.72 -6.08 -0.41
N ASN A 28 -50.16 -5.65 -1.60
CA ASN A 28 -51.59 -5.48 -1.84
C ASN A 28 -52.34 -6.79 -1.62
N LYS A 29 -51.84 -7.89 -2.19
CA LYS A 29 -52.55 -9.16 -2.10
C LYS A 29 -52.17 -9.97 -0.88
N GLN A 30 -51.16 -9.56 -0.12
CA GLN A 30 -50.70 -10.31 1.05
C GLN A 30 -50.38 -11.76 0.68
N GLN A 31 -49.60 -11.92 -0.39
CA GLN A 31 -49.23 -13.23 -0.89
C GLN A 31 -47.73 -13.28 -1.10
N GLY A 32 -47.13 -14.41 -0.75
CA GLY A 32 -45.70 -14.60 -0.90
C GLY A 32 -45.35 -15.61 -1.96
N PHE A 33 -44.15 -15.50 -2.52
CA PHE A 33 -43.69 -16.35 -3.59
C PHE A 33 -42.20 -16.63 -3.41
N THR A 34 -41.80 -17.88 -3.65
CA THR A 34 -40.39 -18.22 -3.52
C THR A 34 -40.10 -19.44 -4.37
N ASN A 35 -38.83 -19.59 -4.75
CA ASN A 35 -38.40 -20.76 -5.48
C ASN A 35 -38.08 -21.95 -4.58
N ASN A 36 -37.95 -21.73 -3.27
CA ASN A 36 -37.45 -22.77 -2.37
C ASN A 36 -37.95 -22.46 -0.97
N LEU A 37 -39.07 -23.08 -0.59
CA LEU A 37 -39.66 -22.82 0.72
C LEU A 37 -38.70 -23.14 1.85
N LYS A 38 -37.94 -24.23 1.72
CA LYS A 38 -37.01 -24.61 2.79
C LYS A 38 -35.96 -23.52 2.98
N ARG A 39 -35.24 -23.17 1.91
CA ARG A 39 -34.16 -22.20 2.05
C ARG A 39 -34.70 -20.83 2.43
N ALA A 40 -35.93 -20.52 2.01
CA ALA A 40 -36.56 -19.27 2.42
C ALA A 40 -36.64 -19.13 3.93
N ASN A 41 -36.71 -20.26 4.65
CA ASN A 41 -36.81 -20.25 6.10
C ASN A 41 -35.54 -20.71 6.80
N GLN A 42 -34.46 -20.91 6.06
CA GLN A 42 -33.16 -21.21 6.68
C GLN A 42 -32.49 -19.91 7.09
N ALA A 43 -31.89 -19.92 8.29
CA ALA A 43 -31.36 -18.72 8.90
C ALA A 43 -29.86 -18.60 8.66
N PHE A 44 -29.44 -17.45 8.16
CA PHE A 44 -28.03 -17.17 7.87
C PHE A 44 -27.57 -15.95 8.65
N LEU A 45 -26.26 -15.78 8.74
CA LEU A 45 -25.71 -14.52 9.23
C LEU A 45 -26.27 -13.37 8.38
N PRO A 46 -26.75 -12.29 9.00
CA PRO A 46 -27.26 -11.17 8.21
C PRO A 46 -26.16 -10.39 7.52
N ALA A 47 -24.93 -10.42 8.05
CA ALA A 47 -23.84 -9.60 7.54
C ALA A 47 -24.31 -8.17 7.35
N SER A 48 -23.95 -7.54 6.22
CA SER A 48 -24.19 -6.10 6.10
C SER A 48 -25.66 -5.74 5.95
N THR A 49 -26.56 -6.72 5.77
CA THR A 49 -27.98 -6.38 5.87
C THR A 49 -28.34 -5.92 7.28
N PHE A 50 -27.48 -6.24 8.26
CA PHE A 50 -27.70 -5.79 9.63
C PHE A 50 -27.55 -4.29 9.76
N KCX A 51 -26.99 -3.65 8.73
CA KCX A 51 -26.84 -2.20 8.77
CB KCX A 51 -25.99 -1.73 7.58
CG KCX A 51 -24.51 -2.08 7.74
CD KCX A 51 -23.63 -1.45 6.67
CE KCX A 51 -22.16 -1.75 6.95
NZ KCX A 51 -21.87 -3.20 6.87
C KCX A 51 -28.20 -1.50 8.79
O KCX A 51 -28.28 -0.34 9.22
CX KCX A 51 -21.75 -3.94 7.97
OQ1 KCX A 51 -21.51 -5.16 7.86
OQ2 KCX A 51 -21.85 -3.43 9.10
H KCX A 51 -26.69 -4.03 8.01
HA KCX A 51 -26.35 -1.96 9.59
HB2 KCX A 51 -26.07 -0.76 7.51
HG2 KCX A 51 -24.41 -3.03 7.68
HD2 KCX A 51 -23.75 -0.48 6.69
HE2 KCX A 51 -21.62 -1.30 6.28
N ILE A 52 -29.26 -2.18 8.36
CA ILE A 52 -30.60 -1.58 8.45
C ILE A 52 -31.00 -1.45 9.93
N PRO A 53 -31.08 -2.56 10.67
CA PRO A 53 -31.42 -2.43 12.10
C PRO A 53 -30.40 -1.62 12.88
N ASN A 54 -29.11 -1.79 12.58
CA ASN A 54 -28.08 -1.04 13.27
C ASN A 54 -28.28 0.47 13.09
N SER A 55 -28.58 0.89 11.86
CA SER A 55 -28.85 2.31 11.61
C SER A 55 -30.04 2.79 12.42
N LEU A 56 -31.13 2.01 12.43
CA LEU A 56 -32.32 2.40 13.16
C LEU A 56 -31.99 2.63 14.64
N ILE A 57 -31.25 1.70 15.23
CA ILE A 57 -30.95 1.78 16.65
C ILE A 57 -30.03 2.97 16.94
N ALA A 58 -29.00 3.16 16.10
CA ALA A 58 -28.06 4.25 16.34
C ALA A 58 -28.76 5.60 16.28
N LEU A 59 -29.67 5.77 15.32
CA LEU A 59 -30.40 7.03 15.21
C LEU A 59 -31.33 7.24 16.39
N ASP A 60 -32.09 6.21 16.77
CA ASP A 60 -33.09 6.39 17.80
C ASP A 60 -32.47 6.66 19.17
N LEU A 61 -31.26 6.15 19.40
CA LEU A 61 -30.57 6.39 20.67
C LEU A 61 -29.72 7.64 20.65
N GLY A 62 -29.64 8.34 19.52
CA GLY A 62 -28.81 9.52 19.42
C GLY A 62 -27.35 9.25 19.16
N VAL A 63 -26.95 7.99 18.99
CA VAL A 63 -25.59 7.68 18.58
C VAL A 63 -25.27 8.37 17.26
N VAL A 64 -26.24 8.38 16.34
CA VAL A 64 -26.14 9.12 15.09
C VAL A 64 -27.17 10.24 15.14
N LYS A 65 -26.70 11.47 14.94
CA LYS A 65 -27.58 12.64 15.03
C LYS A 65 -28.53 12.68 13.85
N ASP A 66 -28.00 12.56 12.63
CA ASP A 66 -28.80 12.60 11.41
C ASP A 66 -27.96 12.02 10.28
N GLU A 67 -28.51 12.06 9.07
CA GLU A 67 -27.84 11.47 7.91
C GLU A 67 -26.72 12.35 7.38
N HIS A 68 -26.46 13.51 7.97
CA HIS A 68 -25.38 14.39 7.56
C HIS A 68 -24.15 14.27 8.45
N GLN A 69 -24.31 13.76 9.68
CA GLN A 69 -23.17 13.67 10.60
C GLN A 69 -22.04 12.88 9.95
N VAL A 70 -20.83 13.44 10.04
CA VAL A 70 -19.67 12.86 9.38
C VAL A 70 -18.96 11.95 10.36
N PHE A 71 -18.70 10.72 9.93
CA PHE A 71 -17.94 9.76 10.72
C PHE A 71 -16.55 9.71 10.10
N LYS A 72 -15.58 10.31 10.77
CA LYS A 72 -14.27 10.50 10.18
C LYS A 72 -13.55 9.16 10.08
N TRP A 73 -12.89 8.96 8.95
CA TRP A 73 -12.02 7.79 8.79
C TRP A 73 -11.01 7.75 9.93
N ASP A 74 -10.83 6.57 10.51
CA ASP A 74 -9.91 6.41 11.63
C ASP A 74 -8.45 6.39 11.20
N GLY A 75 -8.16 6.56 9.91
CA GLY A 75 -6.79 6.63 9.45
C GLY A 75 -6.13 5.28 9.25
N GLN A 76 -6.84 4.18 9.49
CA GLN A 76 -6.31 2.85 9.26
C GLN A 76 -6.65 2.41 7.85
N THR A 77 -5.63 2.18 7.04
CA THR A 77 -5.83 1.77 5.66
C THR A 77 -6.40 0.36 5.61
N ARG A 78 -7.57 0.21 5.00
CA ARG A 78 -8.20 -1.08 4.80
C ARG A 78 -8.22 -1.41 3.32
N ASP A 79 -8.51 -2.68 3.00
CA ASP A 79 -8.38 -3.15 1.63
C ASP A 79 -9.50 -2.67 0.72
N ILE A 80 -10.55 -2.06 1.24
CA ILE A 80 -11.62 -1.50 0.43
C ILE A 80 -11.44 0.00 0.38
N ALA A 81 -11.06 0.50 -0.80
CA ALA A 81 -10.67 1.90 -0.94
C ALA A 81 -11.78 2.84 -0.45
N THR A 82 -13.04 2.53 -0.77
CA THR A 82 -14.11 3.44 -0.39
C THR A 82 -14.27 3.57 1.12
N TRP A 83 -13.71 2.63 1.89
CA TRP A 83 -13.76 2.73 3.34
C TRP A 83 -12.74 3.71 3.91
N ASN A 84 -11.69 4.05 3.14
CA ASN A 84 -10.62 4.91 3.63
C ASN A 84 -10.95 6.37 3.38
N ARG A 85 -12.10 6.79 3.90
CA ARG A 85 -12.56 8.16 3.73
C ARG A 85 -13.65 8.43 4.76
N ASP A 86 -13.99 9.71 4.90
CA ASP A 86 -15.08 10.09 5.77
C ASP A 86 -16.41 9.65 5.17
N HIS A 87 -17.37 9.37 6.04
CA HIS A 87 -18.68 8.92 5.58
C HIS A 87 -19.77 9.56 6.43
N ASN A 88 -20.95 9.66 5.86
CA ASN A 88 -22.17 9.89 6.61
C ASN A 88 -23.03 8.63 6.51
N LEU A 89 -24.23 8.69 7.10
CA LEU A 89 -25.08 7.52 7.12
C LEU A 89 -25.40 7.06 5.70
N ILE A 90 -25.60 8.00 4.78
CA ILE A 90 -25.97 7.65 3.41
C ILE A 90 -24.82 6.91 2.73
N THR A 91 -23.62 7.50 2.73
CA THR A 91 -22.51 6.86 2.03
C THR A 91 -22.05 5.61 2.76
N ALA A 92 -22.15 5.58 4.10
CA ALA A 92 -21.77 4.39 4.86
C ALA A 92 -22.65 3.20 4.49
N MET A 93 -23.94 3.44 4.29
CA MET A 93 -24.82 2.40 3.81
C MET A 93 -24.47 1.98 2.39
N LYS A 94 -24.32 2.97 1.50
CA LYS A 94 -24.05 2.71 0.09
C LYS A 94 -22.84 1.81 -0.09
N TYR A 95 -21.76 2.07 0.65
CA TYR A 95 -20.51 1.34 0.49
C TYR A 95 -20.30 0.30 1.58
N SER A 96 -21.36 -0.05 2.33
CA SER A 96 -21.30 -1.07 3.38
C SER A 96 -20.04 -0.92 4.22
N VAL A 97 -19.87 0.26 4.80
CA VAL A 97 -18.64 0.57 5.52
C VAL A 97 -18.68 -0.05 6.92
N VAL A 98 -18.21 -1.30 7.00
CA VAL A 98 -18.24 -2.03 8.27
C VAL A 98 -17.65 -1.22 9.42
N PRO A 99 -16.44 -0.65 9.32
CA PRO A 99 -15.84 -0.02 10.50
C PRO A 99 -16.68 1.10 11.09
N VAL A 100 -17.43 1.84 10.27
CA VAL A 100 -18.33 2.85 10.82
C VAL A 100 -19.41 2.19 11.67
N TYR A 101 -19.99 1.10 11.16
CA TYR A 101 -21.08 0.44 11.89
C TYR A 101 -20.58 -0.35 13.08
N GLN A 102 -19.32 -0.79 13.07
CA GLN A 102 -18.75 -1.38 14.26
C GLN A 102 -18.70 -0.38 15.41
N GLU A 103 -18.29 0.86 15.13
CA GLU A 103 -18.28 1.89 16.16
C GLU A 103 -19.69 2.20 16.65
N PHE A 104 -20.67 2.27 15.73
CA PHE A 104 -22.07 2.39 16.15
C PHE A 104 -22.39 1.34 17.21
N ALA A 105 -22.07 0.08 16.92
CA ALA A 105 -22.44 -1.02 17.81
C ALA A 105 -21.78 -0.86 19.17
N ARG A 106 -20.51 -0.45 19.19
CA ARG A 106 -19.81 -0.24 20.46
C ARG A 106 -20.50 0.81 21.30
N GLN A 107 -20.95 1.89 20.66
CA GLN A 107 -21.63 2.96 21.40
C GLN A 107 -23.04 2.55 21.79
N ILE A 108 -23.71 1.75 20.95
CA ILE A 108 -25.00 1.20 21.34
C ILE A 108 -24.86 0.32 22.58
N GLY A 109 -23.93 -0.62 22.54
CA GLY A 109 -23.70 -1.49 23.67
C GLY A 109 -24.54 -2.76 23.61
N GLU A 110 -24.07 -3.79 24.32
CA GLU A 110 -24.73 -5.09 24.30
C GLU A 110 -26.18 -4.98 24.76
N ALA A 111 -26.40 -4.37 25.93
CA ALA A 111 -27.73 -4.39 26.53
C ALA A 111 -28.77 -3.74 25.63
N ARG A 112 -28.47 -2.53 25.13
CA ARG A 112 -29.44 -1.82 24.31
C ARG A 112 -29.62 -2.48 22.95
N MET A 113 -28.53 -3.00 22.37
CA MET A 113 -28.65 -3.71 21.10
C MET A 113 -29.56 -4.92 21.23
N SER A 114 -29.33 -5.74 22.27
CA SER A 114 -30.13 -6.94 22.46
C SER A 114 -31.61 -6.59 22.63
N LYS A 115 -31.90 -5.59 23.46
CA LYS A 115 -33.30 -5.20 23.67
C LYS A 115 -33.96 -4.74 22.38
N MET A 116 -33.24 -3.96 21.58
CA MET A 116 -33.83 -3.41 20.37
C MET A 116 -34.11 -4.50 19.35
N LEU A 117 -33.20 -5.47 19.21
CA LEU A 117 -33.44 -6.55 18.26
C LEU A 117 -34.63 -7.39 18.69
N HIS A 118 -34.82 -7.59 20.00
CA HIS A 118 -36.02 -8.27 20.47
C HIS A 118 -37.27 -7.44 20.17
N ALA A 119 -37.22 -6.14 20.43
CA ALA A 119 -38.35 -5.28 20.12
C ALA A 119 -38.67 -5.31 18.63
N PHE A 120 -37.64 -5.42 17.80
CA PHE A 120 -37.82 -5.53 16.35
C PHE A 120 -38.26 -6.92 15.91
N ASP A 121 -38.23 -7.90 16.80
CA ASP A 121 -38.50 -9.29 16.43
C ASP A 121 -37.56 -9.74 15.33
N TYR A 122 -36.30 -9.32 15.41
CA TYR A 122 -35.36 -9.45 14.30
C TYR A 122 -34.63 -10.78 14.40
N GLY A 123 -34.92 -11.68 13.45
CA GLY A 123 -34.22 -12.95 13.37
C GLY A 123 -34.28 -13.71 14.68
N ASN A 124 -33.17 -14.34 15.04
CA ASN A 124 -33.12 -15.06 16.31
C ASN A 124 -32.78 -14.14 17.48
N GLU A 125 -32.62 -12.84 17.24
CA GLU A 125 -32.48 -11.84 18.29
C GLU A 125 -31.29 -12.13 19.19
N ASP A 126 -30.33 -12.89 18.69
CA ASP A 126 -29.21 -13.39 19.50
C ASP A 126 -27.95 -12.67 19.06
N ILE A 127 -27.43 -11.80 19.92
CA ILE A 127 -26.24 -11.03 19.63
C ILE A 127 -24.98 -11.67 20.22
N SER A 128 -25.05 -12.96 20.57
CA SER A 128 -23.90 -13.62 21.17
C SER A 128 -22.68 -13.43 20.28
N GLY A 129 -21.54 -13.16 20.92
CA GLY A 129 -20.31 -12.89 20.20
C GLY A 129 -19.80 -11.52 20.55
N ASN A 130 -18.91 -10.98 19.73
CA ASN A 130 -18.37 -9.66 19.96
C ASN A 130 -19.39 -8.61 19.53
N VAL A 131 -19.61 -7.62 20.39
CA VAL A 131 -20.61 -6.59 20.10
C VAL A 131 -20.29 -5.85 18.81
N ASP A 132 -19.02 -5.81 18.42
CA ASP A 132 -18.65 -5.05 17.22
C ASP A 132 -18.48 -5.95 15.99
N SER A 133 -18.92 -7.21 16.06
CA SER A 133 -18.84 -8.06 14.87
C SER A 133 -19.85 -9.21 14.87
N PHE A 134 -20.80 -9.22 15.82
CA PHE A 134 -21.65 -10.40 15.96
C PHE A 134 -22.48 -10.66 14.70
N TRP A 135 -22.80 -9.62 13.94
CA TRP A 135 -23.54 -9.81 12.69
C TRP A 135 -22.67 -10.36 11.57
N LEU A 136 -21.36 -10.47 11.78
CA LEU A 136 -20.46 -11.06 10.81
C LEU A 136 -19.97 -12.44 11.20
N ASP A 137 -19.78 -12.70 12.50
CA ASP A 137 -19.26 -13.99 12.94
C ASP A 137 -19.78 -14.40 14.31
N GLY A 138 -20.88 -13.82 14.78
CA GLY A 138 -21.48 -14.19 16.04
C GLY A 138 -22.65 -15.13 15.85
N GLY A 139 -23.57 -15.12 16.80
CA GLY A 139 -24.67 -16.06 16.81
C GLY A 139 -25.94 -15.59 16.15
N ILE A 140 -26.00 -14.35 15.69
CA ILE A 140 -27.25 -13.83 15.13
C ILE A 140 -27.51 -14.48 13.77
N ARG A 141 -28.77 -14.78 13.52
CA ARG A 141 -29.20 -15.44 12.29
C ARG A 141 -30.55 -14.88 11.88
N ILE A 142 -30.80 -14.82 10.58
CA ILE A 142 -32.10 -14.38 10.07
C ILE A 142 -32.34 -15.06 8.73
N SER A 143 -33.60 -15.43 8.49
CA SER A 143 -34.00 -16.05 7.23
C SER A 143 -34.53 -14.99 6.26
N ALA A 144 -34.65 -15.38 5.00
CA ALA A 144 -35.22 -14.48 4.00
C ALA A 144 -36.65 -14.08 4.35
N THR A 145 -37.47 -15.03 4.79
CA THR A 145 -38.83 -14.68 5.18
C THR A 145 -38.82 -13.75 6.39
N GLU A 146 -37.88 -13.97 7.31
CA GLU A 146 -37.77 -13.08 8.47
C GLU A 146 -37.32 -11.68 8.05
N GLN A 147 -36.46 -11.58 7.03
CA GLN A 147 -36.11 -10.25 6.50
C GLN A 147 -37.35 -9.53 6.00
N ILE A 148 -38.22 -10.24 5.27
CA ILE A 148 -39.42 -9.63 4.73
C ILE A 148 -40.28 -9.09 5.85
N SER A 149 -40.50 -9.90 6.89
CA SER A 149 -41.33 -9.48 8.02
C SER A 149 -40.79 -8.21 8.64
N PHE A 150 -39.47 -8.14 8.83
CA PHE A 150 -38.86 -6.94 9.41
C PHE A 150 -38.98 -5.74 8.47
N LEU A 151 -38.74 -5.95 7.18
CA LEU A 151 -38.80 -4.85 6.22
C LEU A 151 -40.22 -4.29 6.10
N ARG A 152 -41.23 -5.16 6.15
CA ARG A 152 -42.61 -4.67 6.08
C ARG A 152 -42.92 -3.74 7.24
N LYS A 153 -42.45 -4.09 8.44
CA LYS A 153 -42.64 -3.22 9.59
C LYS A 153 -41.99 -1.86 9.37
N LEU A 154 -40.74 -1.86 8.86
CA LEU A 154 -40.05 -0.62 8.57
C LEU A 154 -40.82 0.20 7.55
N TYR A 155 -41.29 -0.42 6.47
CA TYR A 155 -42.01 0.30 5.45
C TYR A 155 -43.21 1.05 6.03
N HIS A 156 -43.94 0.40 6.94
CA HIS A 156 -45.15 0.95 7.53
C HIS A 156 -44.87 1.76 8.79
N ASN A 157 -43.60 2.04 9.10
CA ASN A 157 -43.23 2.80 10.29
C ASN A 157 -43.75 2.14 11.57
N LYS A 158 -43.83 0.82 11.58
CA LYS A 158 -44.37 0.07 12.71
C LYS A 158 -43.31 -0.46 13.66
N LEU A 159 -42.03 -0.24 13.37
CA LEU A 159 -40.99 -0.65 14.30
C LEU A 159 -41.00 0.25 15.52
N HIS A 160 -40.50 -0.28 16.63
CA HIS A 160 -40.54 0.43 17.91
C HIS A 160 -39.36 1.38 18.05
N VAL A 161 -39.21 2.24 17.04
CA VAL A 161 -38.37 3.43 17.09
C VAL A 161 -39.20 4.55 16.46
N SER A 162 -38.67 5.77 16.54
CA SER A 162 -39.43 6.92 16.08
C SER A 162 -39.69 6.84 14.59
N GLU A 163 -40.76 7.51 14.15
CA GLU A 163 -41.01 7.65 12.72
C GLU A 163 -39.80 8.27 12.02
N ARG A 164 -39.19 9.27 12.63
CA ARG A 164 -38.04 9.94 12.03
C ARG A 164 -36.91 8.95 11.77
N SER A 165 -36.59 8.13 12.77
CA SER A 165 -35.52 7.14 12.58
C SER A 165 -35.83 6.24 11.39
N GLN A 166 -37.09 5.83 11.25
CA GLN A 166 -37.45 4.93 10.16
C GLN A 166 -37.40 5.65 8.81
N ARG A 167 -37.86 6.90 8.77
CA ARG A 167 -37.77 7.66 7.53
C ARG A 167 -36.32 7.84 7.10
N ILE A 168 -35.43 8.13 8.05
CA ILE A 168 -34.03 8.36 7.71
C ILE A 168 -33.40 7.08 7.15
N VAL A 169 -33.64 5.94 7.80
CA VAL A 169 -33.04 4.70 7.32
C VAL A 169 -33.57 4.33 5.95
N LYS A 170 -34.88 4.55 5.71
CA LYS A 170 -35.43 4.24 4.40
C LYS A 170 -34.85 5.16 3.33
N GLN A 171 -34.56 6.42 3.66
CA GLN A 171 -33.82 7.28 2.75
C GLN A 171 -32.46 6.68 2.44
N ALA A 172 -31.75 6.23 3.48
CA ALA A 172 -30.42 5.67 3.30
C ALA A 172 -30.42 4.37 2.53
N MET A 173 -31.56 3.66 2.51
CA MET A 173 -31.67 2.42 1.74
C MET A 173 -31.89 2.67 0.26
N LEU A 174 -32.14 3.91 -0.15
CA LEU A 174 -32.42 4.21 -1.54
C LEU A 174 -31.28 3.72 -2.42
N THR A 175 -31.61 2.84 -3.37
CA THR A 175 -30.64 2.23 -4.26
C THR A 175 -30.86 2.60 -5.71
N GLU A 176 -32.11 2.63 -6.16
CA GLU A 176 -32.40 2.89 -7.57
C GLU A 176 -33.77 3.53 -7.67
N ALA A 177 -33.90 4.48 -8.60
CA ALA A 177 -35.18 5.12 -8.84
C ALA A 177 -35.21 5.61 -10.28
N ASN A 178 -36.35 5.38 -10.93
CA ASN A 178 -36.61 5.88 -12.27
C ASN A 178 -38.11 6.11 -12.39
N GLY A 179 -38.57 6.37 -13.61
CA GLY A 179 -39.98 6.63 -13.82
C GLY A 179 -40.88 5.43 -13.62
N ASP A 180 -40.31 4.23 -13.46
CA ASP A 180 -41.11 3.01 -13.34
C ASP A 180 -41.15 2.44 -11.94
N TYR A 181 -40.10 2.60 -11.14
CA TYR A 181 -40.07 1.99 -9.82
C TYR A 181 -39.01 2.68 -8.96
N ILE A 182 -39.08 2.40 -7.66
CA ILE A 182 -38.06 2.78 -6.69
C ILE A 182 -37.65 1.52 -5.95
N ILE A 183 -36.34 1.30 -5.82
CA ILE A 183 -35.83 0.19 -5.02
C ILE A 183 -35.11 0.76 -3.81
N ARG A 184 -35.56 0.37 -2.63
CA ARG A 184 -34.85 0.60 -1.37
C ARG A 184 -34.42 -0.76 -0.83
N ALA A 185 -33.11 -0.92 -0.60
CA ALA A 185 -32.57 -2.24 -0.31
C ALA A 185 -31.21 -2.11 0.36
N LYS A 186 -30.70 -3.25 0.82
CA LYS A 186 -29.36 -3.34 1.38
C LYS A 186 -28.75 -4.68 0.98
N THR A 187 -27.50 -4.63 0.51
CA THR A 187 -26.77 -5.84 0.18
C THR A 187 -26.10 -6.42 1.41
N GLY A 188 -25.78 -7.70 1.34
CA GLY A 188 -25.00 -8.36 2.37
C GLY A 188 -24.06 -9.37 1.75
N TYR A 189 -22.94 -9.58 2.44
CA TYR A 189 -21.91 -10.52 1.98
C TYR A 189 -21.30 -11.21 3.20
N SER A 190 -21.65 -12.47 3.41
CA SER A 190 -21.22 -13.23 4.58
C SER A 190 -20.14 -14.23 4.20
N THR A 191 -18.94 -14.06 4.76
CA THR A 191 -17.81 -14.94 4.44
C THR A 191 -17.19 -15.63 5.65
N ARG A 192 -17.43 -15.15 6.88
CA ARG A 192 -16.72 -15.66 8.03
C ARG A 192 -17.26 -16.98 8.55
N ILE A 193 -18.50 -17.34 8.21
CA ILE A 193 -19.10 -18.60 8.64
C ILE A 193 -19.72 -19.27 7.42
N GLU A 194 -19.48 -20.57 7.27
CA GLU A 194 -20.03 -21.30 6.14
C GLU A 194 -21.53 -21.48 6.32
N PRO A 195 -22.30 -21.50 5.22
CA PRO A 195 -21.84 -21.31 3.83
C PRO A 195 -21.70 -19.82 3.49
N LYS A 196 -20.70 -19.47 2.69
CA LYS A 196 -20.56 -18.09 2.27
C LYS A 196 -21.72 -17.72 1.37
N ILE A 197 -22.39 -16.60 1.66
CA ILE A 197 -23.56 -16.18 0.92
C ILE A 197 -23.52 -14.68 0.66
N GLY A 198 -24.31 -14.27 -0.32
CA GLY A 198 -24.64 -12.88 -0.54
C GLY A 198 -26.11 -12.66 -0.28
N TRP A 199 -26.45 -11.47 0.22
CA TRP A 199 -27.82 -11.05 0.47
C TRP A 199 -28.19 -9.90 -0.46
N TRP A 200 -29.48 -9.80 -0.76
CA TRP A 200 -30.07 -8.53 -1.17
C TRP A 200 -31.50 -8.52 -0.66
N VAL A 201 -31.82 -7.55 0.19
CA VAL A 201 -33.14 -7.45 0.80
C VAL A 201 -33.63 -6.02 0.67
N GLY A 202 -34.94 -5.87 0.47
CA GLY A 202 -35.50 -4.54 0.32
C GLY A 202 -36.91 -4.62 -0.25
N TRP A 203 -37.26 -3.60 -1.03
CA TRP A 203 -38.56 -3.63 -1.68
C TRP A 203 -38.55 -2.75 -2.92
N VAL A 204 -39.55 -2.98 -3.77
CA VAL A 204 -39.77 -2.25 -5.01
C VAL A 204 -41.07 -1.48 -4.84
N GLU A 205 -40.99 -0.15 -4.95
CA GLU A 205 -42.17 0.70 -4.87
C GLU A 205 -42.71 0.97 -6.26
N LEU A 206 -43.98 0.66 -6.47
CA LEU A 206 -44.70 0.98 -7.70
C LEU A 206 -45.75 2.05 -7.40
N ASP A 207 -46.39 2.55 -8.46
CA ASP A 207 -47.45 3.53 -8.27
C ASP A 207 -48.54 3.01 -7.33
N ASP A 208 -48.91 1.74 -7.48
CA ASP A 208 -50.10 1.20 -6.83
C ASP A 208 -49.83 0.00 -5.95
N ASN A 209 -48.57 -0.34 -5.69
CA ASN A 209 -48.27 -1.53 -4.90
C ASN A 209 -46.82 -1.46 -4.46
N VAL A 210 -46.47 -2.32 -3.51
CA VAL A 210 -45.10 -2.51 -3.07
C VAL A 210 -44.81 -4.00 -3.08
N TRP A 211 -43.68 -4.38 -3.64
CA TRP A 211 -43.20 -5.75 -3.65
C TRP A 211 -41.96 -5.82 -2.77
N PHE A 212 -42.07 -6.54 -1.66
CA PHE A 212 -40.90 -6.80 -0.82
C PHE A 212 -40.14 -7.99 -1.37
N PHE A 213 -38.81 -7.94 -1.23
CA PHE A 213 -37.98 -9.03 -1.70
C PHE A 213 -36.86 -9.30 -0.71
N ALA A 214 -36.44 -10.55 -0.65
CA ALA A 214 -35.28 -10.96 0.13
C ALA A 214 -34.67 -12.17 -0.57
N MET A 215 -33.40 -12.07 -0.92
CA MET A 215 -32.71 -13.15 -1.60
C MET A 215 -31.37 -13.39 -0.91
N ASN A 216 -30.96 -14.66 -0.92
CA ASN A 216 -29.58 -15.00 -0.65
C ASN A 216 -29.16 -16.10 -1.60
N MET A 217 -27.85 -16.21 -1.80
CA MET A 217 -27.30 -17.13 -2.78
C MET A 217 -25.90 -17.51 -2.34
N ASP A 218 -25.49 -18.72 -2.71
CA ASP A 218 -24.12 -19.16 -2.45
C ASP A 218 -23.13 -18.22 -3.12
N MET A 219 -22.07 -17.89 -2.39
CA MET A 219 -21.08 -16.89 -2.83
C MET A 219 -19.69 -17.40 -2.49
N PRO A 220 -19.22 -18.44 -3.19
CA PRO A 220 -17.88 -18.97 -2.88
C PRO A 220 -16.76 -17.98 -3.12
N THR A 221 -16.92 -17.06 -4.08
CA THR A 221 -15.95 -16.01 -4.32
C THR A 221 -16.69 -14.70 -4.51
N SER A 222 -15.95 -13.60 -4.32
CA SER A 222 -16.52 -12.28 -4.54
C SER A 222 -16.83 -12.00 -6.01
N ASP A 223 -16.39 -12.88 -6.93
CA ASP A 223 -16.60 -12.64 -8.35
C ASP A 223 -18.08 -12.59 -8.71
N GLY A 224 -18.93 -13.28 -7.95
CA GLY A 224 -20.34 -13.36 -8.25
C GLY A 224 -21.24 -12.39 -7.53
N LEU A 225 -20.69 -11.37 -6.87
CA LEU A 225 -21.51 -10.49 -6.05
C LEU A 225 -22.56 -9.76 -6.88
N GLY A 226 -22.21 -9.36 -8.11
CA GLY A 226 -23.17 -8.69 -8.96
C GLY A 226 -24.41 -9.51 -9.26
N LEU A 227 -24.35 -10.83 -9.05
CA LEU A 227 -25.49 -11.68 -9.33
C LEU A 227 -26.62 -11.50 -8.32
N ARG A 228 -26.33 -10.96 -7.13
CA ARG A 228 -27.37 -10.74 -6.15
C ARG A 228 -28.47 -9.86 -6.73
N GLN A 229 -28.09 -8.72 -7.30
CA GLN A 229 -29.07 -7.82 -7.89
C GLN A 229 -29.55 -8.31 -9.24
N ALA A 230 -28.65 -8.90 -10.03
CA ALA A 230 -29.02 -9.32 -11.38
C ALA A 230 -30.07 -10.42 -11.34
N ILE A 231 -29.87 -11.43 -10.49
CA ILE A 231 -30.83 -12.53 -10.40
C ILE A 231 -32.16 -12.01 -9.87
N THR A 232 -32.12 -11.18 -8.82
CA THR A 232 -33.35 -10.61 -8.28
C THR A 232 -34.14 -9.88 -9.36
N LYS A 233 -33.45 -9.04 -10.14
CA LYS A 233 -34.13 -8.26 -11.17
C LYS A 233 -34.66 -9.14 -12.28
N GLU A 234 -33.97 -10.23 -12.60
CA GLU A 234 -34.51 -11.15 -13.60
C GLU A 234 -35.83 -11.75 -13.13
N VAL A 235 -35.91 -12.11 -11.85
CA VAL A 235 -37.15 -12.61 -11.29
C VAL A 235 -38.23 -11.55 -11.36
N LEU A 236 -37.89 -10.32 -10.94
CA LEU A 236 -38.85 -9.22 -11.01
C LEU A 236 -39.33 -9.01 -12.44
N LYS A 237 -38.41 -9.04 -13.40
CA LYS A 237 -38.80 -8.90 -14.80
C LYS A 237 -39.67 -10.07 -15.25
N GLN A 238 -39.30 -11.30 -14.89
CA GLN A 238 -40.14 -12.44 -15.25
C GLN A 238 -41.55 -12.29 -14.71
N GLU A 239 -41.69 -11.82 -13.46
CA GLU A 239 -43.00 -11.65 -12.86
C GLU A 239 -43.65 -10.32 -13.22
N LYS A 240 -43.08 -9.59 -14.19
CA LYS A 240 -43.68 -8.35 -14.69
C LYS A 240 -43.88 -7.33 -13.58
N ILE A 241 -43.00 -7.36 -12.58
CA ILE A 241 -43.02 -6.35 -11.53
C ILE A 241 -42.28 -5.11 -11.99
N ILE A 242 -41.21 -5.30 -12.75
CA ILE A 242 -40.48 -4.19 -13.37
C ILE A 242 -40.37 -4.48 -14.87
N PRO A 243 -40.26 -3.46 -15.73
CA PRO A 243 -40.15 -3.70 -17.18
C PRO A 243 -38.86 -4.43 -17.57
N GLU B 2 25.23 -6.27 17.76
CA GLU B 2 25.79 -6.23 16.41
C GLU B 2 24.80 -6.74 15.37
N TRP B 3 24.23 -5.81 14.61
CA TRP B 3 23.28 -6.12 13.55
C TRP B 3 23.91 -5.74 12.22
N GLN B 4 23.69 -6.58 11.21
CA GLN B 4 24.29 -6.40 9.89
C GLN B 4 23.21 -6.52 8.83
N GLU B 5 23.21 -5.58 7.89
CA GLU B 5 22.21 -5.55 6.83
C GLU B 5 22.85 -6.12 5.56
N ASN B 6 22.23 -7.15 5.01
CA ASN B 6 22.70 -7.83 3.81
C ASN B 6 21.58 -7.74 2.77
N LYS B 7 21.65 -6.69 1.95
CA LYS B 7 20.61 -6.44 0.96
C LYS B 7 20.61 -7.47 -0.17
N SER B 8 21.65 -8.31 -0.27
CA SER B 8 21.67 -9.33 -1.31
C SER B 8 20.53 -10.31 -1.14
N TRP B 9 20.03 -10.49 0.09
CA TRP B 9 18.88 -11.35 0.31
C TRP B 9 17.62 -10.80 -0.35
N ASN B 10 17.57 -9.49 -0.63
CA ASN B 10 16.40 -8.93 -1.30
C ASN B 10 16.11 -9.67 -2.59
N ALA B 11 17.14 -10.23 -3.22
CA ALA B 11 16.93 -11.01 -4.44
C ALA B 11 15.98 -12.17 -4.19
N HIS B 12 16.02 -12.78 -3.01
CA HIS B 12 15.13 -13.91 -2.73
C HIS B 12 13.67 -13.50 -2.71
N PHE B 13 13.38 -12.25 -2.32
CA PHE B 13 12.00 -11.78 -2.38
C PHE B 13 11.67 -11.33 -3.80
N THR B 14 12.58 -10.56 -4.41
CA THR B 14 12.36 -10.03 -5.75
C THR B 14 12.20 -11.15 -6.78
N GLU B 15 12.97 -12.23 -6.65
CA GLU B 15 12.83 -13.34 -7.59
C GLU B 15 11.43 -13.94 -7.59
N HIS B 16 10.69 -13.78 -6.49
CA HIS B 16 9.31 -14.25 -6.40
C HIS B 16 8.31 -13.11 -6.46
N LYS B 17 8.70 -11.96 -7.01
CA LYS B 17 7.79 -10.82 -7.16
C LYS B 17 7.16 -10.47 -5.81
N SER B 18 7.96 -10.56 -4.75
CA SER B 18 7.49 -10.37 -3.39
C SER B 18 8.31 -9.30 -2.69
N GLN B 19 7.84 -8.91 -1.50
CA GLN B 19 8.55 -7.96 -0.65
C GLN B 19 8.47 -8.46 0.78
N GLY B 20 9.56 -8.33 1.52
CA GLY B 20 9.54 -8.80 2.90
C GLY B 20 10.89 -8.63 3.56
N VAL B 21 10.99 -9.22 4.75
CA VAL B 21 12.20 -9.19 5.57
C VAL B 21 12.45 -10.57 6.14
N VAL B 22 13.72 -10.98 6.15
CA VAL B 22 14.18 -12.11 6.92
C VAL B 22 15.16 -11.59 7.95
N VAL B 23 15.02 -12.05 9.19
CA VAL B 23 15.96 -11.71 10.26
C VAL B 23 16.55 -13.01 10.79
N LEU B 24 17.87 -13.08 10.86
CA LEU B 24 18.58 -14.23 11.40
C LEU B 24 19.39 -13.83 12.61
N TRP B 25 19.49 -14.74 13.58
CA TRP B 25 20.30 -14.52 14.76
C TRP B 25 21.17 -15.74 15.02
N ASN B 26 22.48 -15.53 14.99
CA ASN B 26 23.47 -16.56 15.30
C ASN B 26 23.68 -16.56 16.81
N GLU B 27 23.17 -17.60 17.48
CA GLU B 27 23.18 -17.61 18.94
C GLU B 27 24.61 -17.68 19.48
N ASN B 28 25.45 -18.55 18.90
CA ASN B 28 26.82 -18.68 19.39
C ASN B 28 27.57 -17.35 19.31
N LYS B 29 27.47 -16.67 18.17
CA LYS B 29 28.20 -15.44 17.94
C LYS B 29 27.44 -14.19 18.39
N GLN B 30 26.18 -14.33 18.78
CA GLN B 30 25.38 -13.19 19.22
C GLN B 30 25.38 -12.09 18.16
N GLN B 31 25.13 -12.47 16.92
CA GLN B 31 25.11 -11.55 15.79
C GLN B 31 23.83 -11.74 14.99
N GLY B 32 23.25 -10.62 14.56
CA GLY B 32 22.03 -10.65 13.78
C GLY B 32 22.23 -10.19 12.34
N PHE B 33 21.35 -10.63 11.45
CA PHE B 33 21.47 -10.34 10.02
C PHE B 33 20.09 -10.16 9.44
N THR B 34 19.93 -9.18 8.54
CA THR B 34 18.64 -8.96 7.90
C THR B 34 18.88 -8.24 6.57
N ASN B 35 17.91 -8.39 5.67
CA ASN B 35 17.94 -7.68 4.41
C ASN B 35 17.40 -6.26 4.50
N ASN B 36 16.70 -5.93 5.59
CA ASN B 36 16.01 -4.65 5.66
C ASN B 36 15.85 -4.29 7.14
N LEU B 37 16.77 -3.47 7.65
CA LEU B 37 16.72 -3.09 9.06
C LEU B 37 15.42 -2.40 9.40
N LYS B 38 14.92 -1.55 8.50
CA LYS B 38 13.66 -0.85 8.79
C LYS B 38 12.52 -1.83 8.97
N ARG B 39 12.28 -2.68 7.96
CA ARG B 39 11.15 -3.60 8.04
C ARG B 39 11.35 -4.61 9.15
N ALA B 40 12.60 -4.96 9.46
CA ALA B 40 12.87 -5.86 10.57
C ALA B 40 12.29 -5.33 11.88
N ASN B 41 12.18 -4.01 12.01
CA ASN B 41 11.68 -3.38 13.23
C ASN B 41 10.29 -2.78 13.06
N GLN B 42 9.63 -3.01 11.93
CA GLN B 42 8.25 -2.58 11.75
C GLN B 42 7.31 -3.61 12.36
N ALA B 43 6.28 -3.11 13.04
CA ALA B 43 5.39 -3.93 13.86
C ALA B 43 4.15 -4.34 13.06
N PHE B 44 3.87 -5.64 13.03
CA PHE B 44 2.73 -6.20 12.34
C PHE B 44 1.85 -6.99 13.30
N LEU B 45 0.62 -7.26 12.87
CA LEU B 45 -0.21 -8.23 13.57
C LEU B 45 0.53 -9.57 13.65
N PRO B 46 0.57 -10.22 14.82
CA PRO B 46 1.24 -11.53 14.88
C PRO B 46 0.44 -12.63 14.20
N ALA B 47 -0.88 -12.48 14.08
CA ALA B 47 -1.73 -13.54 13.57
C ALA B 47 -1.37 -14.87 14.25
N SER B 48 -1.29 -15.95 13.48
CA SER B 48 -1.14 -17.27 14.11
C SER B 48 0.21 -17.50 14.76
N THR B 49 1.20 -16.61 14.56
CA THR B 49 2.41 -16.74 15.37
C THR B 49 2.09 -16.50 16.84
N PHE B 50 0.97 -15.87 17.14
CA PHE B 50 0.55 -15.65 18.52
C PHE B 50 0.20 -16.94 19.23
N KCX B 51 0.00 -18.01 18.48
CA KCX B 51 -0.31 -19.31 19.07
CB KCX B 51 -0.65 -20.34 17.98
CG KCX B 51 -2.02 -20.08 17.32
CD KCX B 51 -2.45 -21.18 16.37
CE KCX B 51 -3.86 -20.91 15.84
NZ KCX B 51 -3.92 -19.68 15.01
C KCX B 51 0.82 -19.81 19.97
O KCX B 51 0.61 -20.66 20.81
CX KCX B 51 -4.40 -18.53 15.50
OQ1 KCX B 51 -4.83 -18.48 16.66
OQ2 KCX B 51 -4.43 -17.52 14.78
H KCX B 51 0.06 -18.02 17.62
HA KCX B 51 -1.11 -19.20 19.64
HB2 KCX B 51 -0.67 -21.22 18.38
HG2 KCX B 51 -2.69 -19.99 18.01
HD2 KCX B 51 -2.47 -22.02 16.85
HE2 KCX B 51 -4.13 -21.66 15.29
N ILE B 52 2.02 -19.25 19.80
CA ILE B 52 3.13 -19.62 20.69
C ILE B 52 2.88 -19.07 22.10
N PRO B 53 2.77 -17.74 22.27
CA PRO B 53 2.48 -17.23 23.62
C PRO B 53 1.13 -17.70 24.13
N ASN B 54 0.12 -17.79 23.26
CA ASN B 54 -1.19 -18.27 23.69
C ASN B 54 -1.10 -19.68 24.26
N SER B 55 -0.34 -20.56 23.60
CA SER B 55 -0.16 -21.92 24.12
C SER B 55 0.52 -21.87 25.48
N LEU B 56 1.59 -21.07 25.60
CA LEU B 56 2.32 -20.98 26.86
C LEU B 56 1.41 -20.56 28.01
N ILE B 57 0.58 -19.54 27.78
CA ILE B 57 -0.26 -19.03 28.85
C ILE B 57 -1.32 -20.05 29.22
N ALA B 58 -1.93 -20.69 28.22
CA ALA B 58 -2.97 -21.66 28.49
C ALA B 58 -2.43 -22.84 29.29
N LEU B 59 -1.22 -23.31 28.95
CA LEU B 59 -0.63 -24.41 29.70
C LEU B 59 -0.29 -24.00 31.13
N ASP B 60 0.34 -22.83 31.29
CA ASP B 60 0.81 -22.45 32.61
C ASP B 60 -0.37 -22.17 33.55
N LEU B 61 -1.50 -21.73 33.02
CA LEU B 61 -2.68 -21.46 33.83
C LEU B 61 -3.58 -22.67 34.00
N GLY B 62 -3.28 -23.80 33.36
CA GLY B 62 -4.11 -24.97 33.45
C GLY B 62 -5.31 -24.99 32.54
N VAL B 63 -5.48 -23.97 31.70
CA VAL B 63 -6.52 -24.01 30.67
C VAL B 63 -6.30 -25.23 29.78
N VAL B 64 -5.04 -25.53 29.48
CA VAL B 64 -4.66 -26.74 28.76
C VAL B 64 -3.87 -27.62 29.74
N LYS B 65 -4.36 -28.85 29.91
CA LYS B 65 -3.74 -29.80 30.83
C LYS B 65 -2.38 -30.27 30.32
N ASP B 66 -2.34 -30.74 29.08
CA ASP B 66 -1.12 -31.23 28.47
C ASP B 66 -1.35 -31.29 26.96
N GLU B 67 -0.35 -31.80 26.24
CA GLU B 67 -0.41 -31.84 24.79
C GLU B 67 -1.31 -32.94 24.25
N HIS B 68 -1.91 -33.75 25.13
CA HIS B 68 -2.84 -34.79 24.73
C HIS B 68 -4.30 -34.41 24.89
N GLN B 69 -4.59 -33.39 25.70
CA GLN B 69 -5.97 -33.01 25.96
C GLN B 69 -6.67 -32.71 24.64
N VAL B 70 -7.85 -33.28 24.46
CA VAL B 70 -8.58 -33.17 23.20
C VAL B 70 -9.53 -31.99 23.30
N PHE B 71 -9.46 -31.12 22.30
CA PHE B 71 -10.38 -30.01 22.18
C PHE B 71 -11.38 -30.37 21.09
N LYS B 72 -12.60 -30.69 21.51
CA LYS B 72 -13.59 -31.24 20.61
C LYS B 72 -14.04 -30.18 19.62
N TRP B 73 -14.18 -30.59 18.36
CA TRP B 73 -14.79 -29.72 17.36
C TRP B 73 -16.15 -29.26 17.84
N ASP B 74 -16.41 -27.96 17.73
CA ASP B 74 -17.70 -27.42 18.15
C ASP B 74 -18.82 -27.71 17.18
N GLY B 75 -18.55 -28.45 16.10
CA GLY B 75 -19.59 -28.85 15.18
C GLY B 75 -19.97 -27.82 14.15
N GLN B 76 -19.32 -26.65 14.15
CA GLN B 76 -19.59 -25.62 13.16
C GLN B 76 -18.66 -25.83 11.96
N THR B 77 -19.23 -26.06 10.79
CA THR B 77 -18.43 -26.30 9.60
C THR B 77 -17.75 -25.01 9.18
N ARG B 78 -16.42 -25.03 9.14
CA ARG B 78 -15.63 -23.91 8.69
C ARG B 78 -14.95 -24.25 7.37
N ASP B 79 -14.41 -23.22 6.71
CA ASP B 79 -13.89 -23.40 5.35
C ASP B 79 -12.55 -24.11 5.32
N ILE B 80 -11.90 -24.33 6.46
CA ILE B 80 -10.63 -25.04 6.52
C ILE B 80 -10.95 -26.46 6.99
N ALA B 81 -10.85 -27.43 6.07
CA ALA B 81 -11.30 -28.78 6.37
C ALA B 81 -10.65 -29.33 7.63
N THR B 82 -9.34 -29.09 7.80
CA THR B 82 -8.63 -29.64 8.95
C THR B 82 -9.13 -29.05 10.27
N TRP B 83 -9.85 -27.93 10.24
CA TRP B 83 -10.40 -27.35 11.46
C TRP B 83 -11.66 -28.08 11.93
N ASN B 84 -12.32 -28.82 11.04
CA ASN B 84 -13.60 -29.46 11.36
C ASN B 84 -13.38 -30.86 11.93
N ARG B 85 -12.61 -30.90 13.00
CA ARG B 85 -12.27 -32.16 13.66
C ARG B 85 -11.72 -31.84 15.05
N ASP B 86 -11.60 -32.89 15.86
CA ASP B 86 -11.01 -32.74 17.17
C ASP B 86 -9.52 -32.47 17.04
N HIS B 87 -8.97 -31.74 18.01
CA HIS B 87 -7.55 -31.41 18.00
C HIS B 87 -7.00 -31.50 19.41
N ASN B 88 -5.70 -31.71 19.49
CA ASN B 88 -4.93 -31.46 20.69
C ASN B 88 -3.96 -30.32 20.41
N LEU B 89 -3.13 -30.00 21.40
CA LEU B 89 -2.24 -28.86 21.25
C LEU B 89 -1.31 -29.06 20.05
N ILE B 90 -0.84 -30.28 19.84
CA ILE B 90 0.10 -30.54 18.75
C ILE B 90 -0.57 -30.29 17.40
N THR B 91 -1.72 -30.92 17.18
CA THR B 91 -2.38 -30.77 15.88
C THR B 91 -2.97 -29.37 15.72
N ALA B 92 -3.42 -28.76 16.81
CA ALA B 92 -3.96 -27.40 16.72
C ALA B 92 -2.89 -26.42 16.27
N MET B 93 -1.66 -26.62 16.74
CA MET B 93 -0.54 -25.82 16.24
C MET B 93 -0.25 -26.14 14.79
N LYS B 94 -0.13 -27.43 14.46
CA LYS B 94 0.22 -27.85 13.11
C LYS B 94 -0.71 -27.25 12.07
N TYR B 95 -2.02 -27.28 12.33
CA TYR B 95 -3.00 -26.81 11.37
C TYR B 95 -3.53 -25.42 11.72
N SER B 96 -2.84 -24.71 12.62
CA SER B 96 -3.16 -23.31 12.93
C SER B 96 -4.65 -23.12 13.14
N VAL B 97 -5.21 -23.94 14.04
CA VAL B 97 -6.66 -24.02 14.23
C VAL B 97 -7.13 -22.85 15.08
N VAL B 98 -7.46 -21.75 14.42
CA VAL B 98 -7.87 -20.53 15.11
C VAL B 98 -8.97 -20.79 16.15
N PRO B 99 -10.07 -21.47 15.81
CA PRO B 99 -11.18 -21.58 16.77
C PRO B 99 -10.79 -22.21 18.09
N VAL B 100 -9.87 -23.18 18.09
CA VAL B 100 -9.40 -23.76 19.34
C VAL B 100 -8.71 -22.71 20.18
N TYR B 101 -7.85 -21.90 19.56
CA TYR B 101 -7.11 -20.89 20.30
C TYR B 101 -7.99 -19.70 20.69
N GLN B 102 -9.07 -19.45 19.95
CA GLN B 102 -10.03 -18.46 20.41
C GLN B 102 -10.64 -18.87 21.74
N GLU B 103 -11.01 -20.14 21.88
CA GLU B 103 -11.54 -20.62 23.14
C GLU B 103 -10.48 -20.55 24.24
N PHE B 104 -9.23 -20.91 23.93
CA PHE B 104 -8.15 -20.69 24.90
C PHE B 104 -8.18 -19.28 25.44
N ALA B 105 -8.24 -18.30 24.53
CA ALA B 105 -8.18 -16.90 24.93
C ALA B 105 -9.35 -16.50 25.81
N ARG B 106 -10.55 -16.97 25.46
CA ARG B 106 -11.73 -16.67 26.28
C ARG B 106 -11.58 -17.22 27.69
N GLN B 107 -11.02 -18.41 27.83
CA GLN B 107 -10.83 -19.00 29.15
C GLN B 107 -9.68 -18.33 29.91
N ILE B 108 -8.62 -17.92 29.22
CA ILE B 108 -7.57 -17.14 29.86
C ILE B 108 -8.13 -15.84 30.39
N GLY B 109 -8.83 -15.09 29.54
CA GLY B 109 -9.44 -13.84 29.94
C GLY B 109 -8.52 -12.66 29.71
N GLU B 110 -9.13 -11.47 29.61
CA GLU B 110 -8.39 -10.26 29.31
C GLU B 110 -7.30 -10.00 30.35
N ALA B 111 -7.64 -10.04 31.63
CA ALA B 111 -6.70 -9.63 32.67
C ALA B 111 -5.45 -10.49 32.64
N ARG B 112 -5.62 -11.81 32.63
CA ARG B 112 -4.46 -12.70 32.69
C ARG B 112 -3.68 -12.67 31.38
N MET B 113 -4.38 -12.56 30.25
CA MET B 113 -3.68 -12.45 28.97
C MET B 113 -2.81 -11.19 28.94
N SER B 114 -3.37 -10.05 29.36
CA SER B 114 -2.61 -8.81 29.38
C SER B 114 -1.39 -8.92 30.29
N LYS B 115 -1.59 -9.48 31.50
CA LYS B 115 -0.47 -9.61 32.43
C LYS B 115 0.67 -10.40 31.81
N MET B 116 0.31 -11.52 31.15
CA MET B 116 1.34 -12.44 30.68
C MET B 116 2.10 -11.86 29.50
N LEU B 117 1.42 -11.14 28.60
CA LEU B 117 2.14 -10.52 27.50
C LEU B 117 3.09 -9.45 28.02
N HIS B 118 2.69 -8.74 29.08
CA HIS B 118 3.62 -7.81 29.72
C HIS B 118 4.81 -8.56 30.31
N ALA B 119 4.54 -9.67 31.02
CA ALA B 119 5.61 -10.49 31.59
C ALA B 119 6.51 -11.05 30.50
N PHE B 120 5.95 -11.39 29.34
CA PHE B 120 6.74 -11.90 28.22
C PHE B 120 7.48 -10.81 27.44
N ASP B 121 7.21 -9.54 27.73
CA ASP B 121 7.79 -8.45 26.94
C ASP B 121 7.43 -8.60 25.46
N TYR B 122 6.21 -9.08 25.20
CA TYR B 122 5.81 -9.53 23.87
C TYR B 122 5.28 -8.36 23.04
N GLY B 123 6.03 -7.98 22.01
CA GLY B 123 5.58 -6.95 21.09
C GLY B 123 5.23 -5.67 21.82
N ASN B 124 4.14 -5.04 21.40
CA ASN B 124 3.68 -3.84 22.08
C ASN B 124 2.83 -4.14 23.30
N GLU B 125 2.67 -5.43 23.65
CA GLU B 125 2.02 -5.86 24.89
C GLU B 125 0.58 -5.35 24.99
N ASP B 126 -0.04 -5.07 23.85
CA ASP B 126 -1.35 -4.42 23.80
C ASP B 126 -2.39 -5.41 23.28
N ILE B 127 -3.32 -5.81 24.15
CA ILE B 127 -4.38 -6.75 23.76
C ILE B 127 -5.66 -6.01 23.39
N SER B 128 -5.57 -4.72 23.07
CA SER B 128 -6.75 -3.97 22.71
C SER B 128 -7.52 -4.69 21.61
N GLY B 129 -8.84 -4.72 21.76
CA GLY B 129 -9.70 -5.43 20.82
C GLY B 129 -10.49 -6.53 21.51
N ASN B 130 -11.04 -7.45 20.72
CA ASN B 130 -11.79 -8.57 21.28
C ASN B 130 -10.82 -9.62 21.81
N VAL B 131 -11.09 -10.10 23.01
CA VAL B 131 -10.19 -11.07 23.64
C VAL B 131 -10.03 -12.32 22.78
N ASP B 132 -11.02 -12.65 21.96
CA ASP B 132 -10.92 -13.87 21.16
C ASP B 132 -10.49 -13.59 19.72
N SER B 133 -9.96 -12.41 19.43
CA SER B 133 -9.47 -12.12 18.08
C SER B 133 -8.40 -11.03 18.00
N PHE B 134 -7.91 -10.54 19.14
CA PHE B 134 -7.06 -9.35 19.09
C PHE B 134 -5.78 -9.59 18.29
N TRP B 135 -5.28 -10.82 18.26
CA TRP B 135 -4.08 -11.12 17.48
C TRP B 135 -4.36 -11.20 15.99
N LEU B 136 -5.62 -11.15 15.57
CA LEU B 136 -5.99 -11.12 14.17
C LEU B 136 -6.45 -9.75 13.71
N ASP B 137 -7.11 -8.97 14.57
CA ASP B 137 -7.60 -7.65 14.17
C ASP B 137 -7.65 -6.66 15.31
N GLY B 138 -6.90 -6.88 16.39
CA GLY B 138 -6.83 -5.96 17.50
C GLY B 138 -5.60 -5.08 17.41
N GLY B 139 -5.17 -4.58 18.57
CA GLY B 139 -4.09 -3.62 18.61
C GLY B 139 -2.71 -4.20 18.81
N ILE B 140 -2.60 -5.52 19.01
CA ILE B 140 -1.30 -6.10 19.30
C ILE B 140 -0.44 -6.09 18.05
N ARG B 141 0.84 -5.80 18.24
CA ARG B 141 1.80 -5.71 17.15
C ARG B 141 3.14 -6.25 17.63
N ILE B 142 3.88 -6.84 16.70
CA ILE B 142 5.22 -7.35 17.03
C ILE B 142 6.07 -7.27 15.77
N SER B 143 7.34 -6.92 15.94
CA SER B 143 8.29 -6.87 14.84
C SER B 143 9.02 -8.20 14.72
N ALA B 144 9.68 -8.38 13.57
CA ALA B 144 10.49 -9.58 13.38
C ALA B 144 11.60 -9.67 14.42
N THR B 145 12.26 -8.53 14.71
CA THR B 145 13.32 -8.55 15.72
C THR B 145 12.76 -8.88 17.10
N GLU B 146 11.54 -8.41 17.39
CA GLU B 146 10.90 -8.74 18.65
C GLU B 146 10.50 -10.21 18.71
N GLN B 147 10.12 -10.81 17.58
CA GLN B 147 9.86 -12.23 17.56
C GLN B 147 11.11 -13.00 17.98
N ILE B 148 12.27 -12.59 17.47
CA ILE B 148 13.53 -13.24 17.82
C ILE B 148 13.81 -13.11 19.32
N SER B 149 13.67 -11.89 19.87
CA SER B 149 13.90 -11.71 21.29
C SER B 149 13.02 -12.64 22.12
N PHE B 150 11.75 -12.75 21.74
CA PHE B 150 10.82 -13.63 22.46
C PHE B 150 11.21 -15.09 22.28
N LEU B 151 11.55 -15.50 21.05
CA LEU B 151 11.89 -16.89 20.80
C LEU B 151 13.16 -17.30 21.54
N ARG B 152 14.15 -16.41 21.61
CA ARG B 152 15.37 -16.75 22.33
C ARG B 152 15.07 -17.05 23.79
N LYS B 153 14.20 -16.26 24.41
CA LYS B 153 13.80 -16.51 25.79
C LYS B 153 13.15 -17.89 25.92
N LEU B 154 12.23 -18.20 25.00
CA LEU B 154 11.57 -19.50 25.02
C LEU B 154 12.59 -20.63 24.88
N TYR B 155 13.53 -20.50 23.94
CA TYR B 155 14.53 -21.53 23.73
C TYR B 155 15.30 -21.81 25.02
N HIS B 156 15.65 -20.76 25.76
CA HIS B 156 16.44 -20.89 26.98
C HIS B 156 15.59 -21.08 28.23
N ASN B 157 14.29 -21.31 28.07
CA ASN B 157 13.38 -21.48 29.21
C ASN B 157 13.39 -20.28 30.15
N LYS B 158 13.61 -19.08 29.61
CA LYS B 158 13.71 -17.86 30.41
C LYS B 158 12.42 -17.06 30.49
N LEU B 159 11.36 -17.49 29.81
CA LEU B 159 10.08 -16.81 29.94
C LEU B 159 9.47 -17.10 31.31
N HIS B 160 8.61 -16.19 31.77
CA HIS B 160 8.05 -16.28 33.12
C HIS B 160 6.82 -17.20 33.14
N VAL B 161 7.04 -18.41 32.65
CA VAL B 161 6.15 -19.54 32.89
C VAL B 161 7.04 -20.73 33.23
N SER B 162 6.42 -21.84 33.63
CA SER B 162 7.19 -22.98 34.08
C SER B 162 8.05 -23.53 32.95
N GLU B 163 9.14 -24.21 33.32
CA GLU B 163 9.93 -24.94 32.33
C GLU B 163 9.06 -25.93 31.56
N ARG B 164 8.15 -26.62 32.26
CA ARG B 164 7.29 -27.60 31.61
C ARG B 164 6.48 -26.95 30.49
N SER B 165 5.84 -25.82 30.78
CA SER B 165 5.04 -25.14 29.76
C SER B 165 5.89 -24.80 28.54
N GLN B 166 7.13 -24.37 28.76
CA GLN B 166 7.99 -23.99 27.64
C GLN B 166 8.43 -25.20 26.85
N ARG B 167 8.75 -26.31 27.53
CA ARG B 167 9.11 -27.53 26.82
C ARG B 167 7.96 -28.04 25.96
N ILE B 168 6.73 -28.01 26.48
CA ILE B 168 5.60 -28.53 25.72
C ILE B 168 5.37 -27.71 24.46
N VAL B 169 5.43 -26.38 24.58
CA VAL B 169 5.20 -25.53 23.41
C VAL B 169 6.30 -25.75 22.38
N LYS B 170 7.55 -25.92 22.84
CA LYS B 170 8.63 -26.18 21.89
C LYS B 170 8.46 -27.52 21.20
N GLN B 171 7.91 -28.52 21.91
CA GLN B 171 7.52 -29.76 21.25
C GLN B 171 6.46 -29.48 20.18
N ALA B 172 5.43 -28.71 20.53
CA ALA B 172 4.36 -28.41 19.59
C ALA B 172 4.81 -27.56 18.42
N MET B 173 5.93 -26.84 18.57
CA MET B 173 6.47 -26.06 17.47
C MET B 173 7.25 -26.90 16.47
N LEU B 174 7.49 -28.17 16.77
CA LEU B 174 8.29 -29.01 15.91
C LEU B 174 7.69 -29.04 14.50
N THR B 175 8.49 -28.67 13.52
CA THR B 175 8.06 -28.57 12.13
C THR B 175 8.80 -29.52 11.20
N GLU B 176 10.12 -29.67 11.38
CA GLU B 176 10.91 -30.49 10.50
C GLU B 176 12.13 -31.00 11.26
N ALA B 177 12.51 -32.25 10.99
CA ALA B 177 13.70 -32.82 11.60
C ALA B 177 14.29 -33.87 10.67
N ASN B 178 15.60 -33.82 10.51
CA ASN B 178 16.34 -34.82 9.75
C ASN B 178 17.75 -34.90 10.35
N GLY B 179 18.64 -35.62 9.68
CA GLY B 179 19.98 -35.79 10.20
C GLY B 179 20.81 -34.53 10.20
N ASP B 180 20.34 -33.46 9.57
CA ASP B 180 21.11 -32.23 9.43
C ASP B 180 20.64 -31.10 10.33
N TYR B 181 19.34 -30.99 10.60
CA TYR B 181 18.84 -29.90 11.41
C TYR B 181 17.46 -30.24 11.95
N ILE B 182 17.03 -29.44 12.92
CA ILE B 182 15.67 -29.46 13.45
C ILE B 182 15.14 -28.04 13.36
N ILE B 183 13.93 -27.89 12.83
CA ILE B 183 13.25 -26.60 12.79
C ILE B 183 12.06 -26.65 13.72
N ARG B 184 12.04 -25.74 14.69
CA ARG B 184 10.86 -25.47 15.51
C ARG B 184 10.37 -24.08 15.14
N ALA B 185 9.11 -23.98 14.72
CA ALA B 185 8.64 -22.75 14.11
C ALA B 185 7.11 -22.70 14.15
N LYS B 186 6.57 -21.54 13.79
CA LYS B 186 5.14 -21.33 13.64
C LYS B 186 4.89 -20.35 12.50
N THR B 187 3.96 -20.70 11.62
CA THR B 187 3.55 -19.82 10.55
C THR B 187 2.50 -18.82 11.02
N GLY B 188 2.36 -17.74 10.26
CA GLY B 188 1.30 -16.79 10.48
C GLY B 188 0.79 -16.27 9.16
N TYR B 189 -0.50 -15.89 9.14
CA TYR B 189 -1.16 -15.36 7.95
C TYR B 189 -2.14 -14.29 8.40
N SER B 190 -1.80 -13.02 8.17
CA SER B 190 -2.57 -11.87 8.62
C SER B 190 -3.31 -11.25 7.44
N THR B 191 -4.65 -11.26 7.49
CA THR B 191 -5.46 -10.73 6.39
C THR B 191 -6.44 -9.64 6.79
N ARG B 192 -6.74 -9.48 8.08
CA ARG B 192 -7.83 -8.59 8.49
C ARG B 192 -7.43 -7.12 8.50
N ILE B 193 -6.14 -6.82 8.60
CA ILE B 193 -5.65 -5.46 8.65
C ILE B 193 -4.51 -5.33 7.66
N GLU B 194 -4.53 -4.26 6.86
CA GLU B 194 -3.50 -4.05 5.87
C GLU B 194 -2.18 -3.64 6.54
N PRO B 195 -1.04 -4.03 5.97
CA PRO B 195 -0.89 -4.86 4.78
C PRO B 195 -1.02 -6.34 5.10
N LYS B 196 -1.64 -7.10 4.20
CA LYS B 196 -1.72 -8.55 4.40
C LYS B 196 -0.33 -9.14 4.30
N ILE B 197 0.05 -9.97 5.28
CA ILE B 197 1.38 -10.54 5.34
C ILE B 197 1.33 -12.00 5.76
N GLY B 198 2.41 -12.70 5.47
CA GLY B 198 2.68 -14.00 6.04
C GLY B 198 3.88 -13.94 6.96
N TRP B 199 3.86 -14.74 8.01
CA TRP B 199 4.95 -14.87 8.96
C TRP B 199 5.55 -16.28 8.87
N TRP B 200 6.84 -16.38 9.20
CA TRP B 200 7.40 -17.65 9.66
C TRP B 200 8.49 -17.31 10.66
N VAL B 201 8.33 -17.77 11.90
CA VAL B 201 9.26 -17.47 12.98
C VAL B 201 9.59 -18.77 13.71
N GLY B 202 10.84 -18.88 14.15
CA GLY B 202 11.28 -20.08 14.85
C GLY B 202 12.78 -20.11 14.95
N TRP B 203 13.33 -21.32 14.89
CA TRP B 203 14.78 -21.46 14.90
C TRP B 203 15.19 -22.78 14.28
N VAL B 204 16.47 -22.84 13.91
CA VAL B 204 17.09 -24.02 13.32
C VAL B 204 18.13 -24.53 14.30
N GLU B 205 17.95 -25.75 14.77
CA GLU B 205 18.90 -26.36 15.70
C GLU B 205 19.94 -27.16 14.91
N LEU B 206 21.21 -26.84 15.13
CA LEU B 206 22.32 -27.62 14.59
C LEU B 206 23.04 -28.33 15.73
N ASP B 207 23.98 -29.21 15.39
CA ASP B 207 24.75 -29.91 16.42
C ASP B 207 25.40 -28.93 17.38
N ASP B 208 25.95 -27.83 16.86
CA ASP B 208 26.82 -26.95 17.63
C ASP B 208 26.33 -25.51 17.69
N ASN B 209 25.12 -25.22 17.22
CA ASN B 209 24.65 -23.83 17.20
C ASN B 209 23.15 -23.83 16.99
N VAL B 210 22.55 -22.67 17.21
CA VAL B 210 21.14 -22.45 16.93
C VAL B 210 21.02 -21.15 16.15
N TRP B 211 20.25 -21.18 15.07
CA TRP B 211 19.95 -20.00 14.26
C TRP B 211 18.47 -19.68 14.45
N PHE B 212 18.18 -18.56 15.10
CA PHE B 212 16.82 -18.06 15.18
C PHE B 212 16.48 -17.29 13.91
N PHE B 213 15.23 -17.39 13.49
CA PHE B 213 14.80 -16.68 12.30
C PHE B 213 13.40 -16.12 12.50
N ALA B 214 13.14 -15.00 11.85
CA ALA B 214 11.81 -14.42 11.80
C ALA B 214 11.69 -13.67 10.48
N MET B 215 10.69 -14.03 9.70
CA MET B 215 10.45 -13.41 8.42
C MET B 215 8.98 -13.03 8.31
N ASN B 216 8.72 -11.93 7.61
CA ASN B 216 7.37 -11.67 7.13
C ASN B 216 7.49 -11.13 5.72
N MET B 217 6.39 -11.24 4.98
CA MET B 217 6.39 -10.87 3.58
C MET B 217 4.96 -10.48 3.19
N ASP B 218 4.86 -9.58 2.22
CA ASP B 218 3.56 -9.22 1.69
C ASP B 218 2.87 -10.46 1.13
N MET B 219 1.57 -10.56 1.39
CA MET B 219 0.78 -11.75 1.04
C MET B 219 -0.57 -11.29 0.50
N PRO B 220 -0.58 -10.69 -0.71
CA PRO B 220 -1.86 -10.20 -1.25
C PRO B 220 -2.89 -11.29 -1.47
N THR B 221 -2.47 -12.52 -1.77
CA THR B 221 -3.38 -13.64 -1.88
C THR B 221 -2.77 -14.86 -1.19
N SER B 222 -3.63 -15.81 -0.85
CA SER B 222 -3.16 -17.05 -0.23
C SER B 222 -2.33 -17.89 -1.17
N ASP B 223 -2.29 -17.55 -2.46
CA ASP B 223 -1.53 -18.35 -3.43
C ASP B 223 -0.04 -18.37 -3.12
N GLY B 224 0.48 -17.36 -2.44
CA GLY B 224 1.90 -17.25 -2.15
C GLY B 224 2.33 -17.73 -0.77
N LEU B 225 1.46 -18.45 -0.05
CA LEU B 225 1.78 -18.82 1.33
C LEU B 225 3.02 -19.70 1.40
N GLY B 226 3.19 -20.61 0.43
CA GLY B 226 4.35 -21.48 0.44
C GLY B 226 5.67 -20.75 0.37
N LEU B 227 5.67 -19.47 -0.04
CA LEU B 227 6.92 -18.72 -0.13
C LEU B 227 7.49 -18.38 1.23
N ARG B 228 6.67 -18.39 2.29
CA ARG B 228 7.17 -18.09 3.62
C ARG B 228 8.31 -19.03 3.99
N GLN B 229 8.09 -20.34 3.82
CA GLN B 229 9.14 -21.31 4.12
C GLN B 229 10.19 -21.36 3.01
N ALA B 230 9.77 -21.23 1.76
CA ALA B 230 10.70 -21.37 0.64
C ALA B 230 11.75 -20.26 0.66
N ILE B 231 11.31 -19.01 0.87
CA ILE B 231 12.25 -17.90 0.90
C ILE B 231 13.20 -18.03 2.09
N THR B 232 12.65 -18.34 3.26
CA THR B 232 13.49 -18.53 4.44
C THR B 232 14.57 -19.58 4.17
N LYS B 233 14.19 -20.70 3.57
CA LYS B 233 15.16 -21.76 3.34
C LYS B 233 16.20 -21.38 2.30
N GLU B 234 15.82 -20.59 1.30
CA GLU B 234 16.82 -20.09 0.35
C GLU B 234 17.86 -19.23 1.06
N VAL B 235 17.43 -18.41 2.00
CA VAL B 235 18.39 -17.62 2.78
C VAL B 235 19.27 -18.54 3.61
N LEU B 236 18.65 -19.51 4.29
CA LEU B 236 19.41 -20.45 5.11
C LEU B 236 20.42 -21.20 4.26
N LYS B 237 20.01 -21.66 3.06
CA LYS B 237 20.94 -22.36 2.18
C LYS B 237 22.06 -21.44 1.69
N GLN B 238 21.72 -20.22 1.30
CA GLN B 238 22.76 -19.28 0.86
C GLN B 238 23.80 -19.06 1.95
N GLU B 239 23.35 -18.94 3.20
CA GLU B 239 24.26 -18.74 4.32
C GLU B 239 24.85 -20.05 4.84
N LYS B 240 24.65 -21.14 4.11
CA LYS B 240 25.27 -22.43 4.47
C LYS B 240 24.87 -22.88 5.87
N ILE B 241 23.67 -22.49 6.31
CA ILE B 241 23.16 -22.94 7.60
C ILE B 241 22.52 -24.31 7.45
N ILE B 242 21.87 -24.57 6.33
CA ILE B 242 21.35 -25.89 6.02
C ILE B 242 21.88 -26.28 4.64
N PRO B 243 22.04 -27.58 4.34
CA PRO B 243 22.54 -28.00 3.03
C PRO B 243 21.60 -27.62 1.89
N GLU C 2 23.18 -2.33 18.34
CA GLU C 2 23.49 -0.91 18.13
C GLU C 2 22.56 -0.02 18.95
N TRP C 3 21.66 -0.64 19.70
CA TRP C 3 20.70 0.10 20.53
C TRP C 3 20.85 -0.25 22.00
N GLN C 4 20.79 0.77 22.85
CA GLN C 4 20.93 0.64 24.29
C GLN C 4 19.81 1.42 24.97
N GLU C 5 19.21 0.82 26.00
CA GLU C 5 18.07 1.40 26.69
C GLU C 5 18.51 2.02 28.01
N ASN C 6 18.17 3.30 28.21
CA ASN C 6 18.52 4.06 29.43
C ASN C 6 17.22 4.56 30.06
N LYS C 7 16.67 3.77 30.98
CA LYS C 7 15.42 4.12 31.63
C LYS C 7 15.55 5.28 32.61
N SER C 8 16.77 5.72 32.94
CA SER C 8 16.91 6.84 33.86
C SER C 8 16.30 8.11 33.26
N TRP C 9 16.24 8.21 31.94
CA TRP C 9 15.61 9.35 31.29
C TRP C 9 14.11 9.42 31.56
N ASN C 10 13.48 8.31 31.94
CA ASN C 10 12.06 8.32 32.23
C ASN C 10 11.71 9.34 33.31
N ALA C 11 12.66 9.62 34.21
CA ALA C 11 12.42 10.62 35.25
C ALA C 11 12.08 11.99 34.64
N HIS C 12 12.68 12.32 33.50
CA HIS C 12 12.40 13.60 32.86
C HIS C 12 10.97 13.67 32.35
N PHE C 13 10.37 12.54 32.00
CA PHE C 13 8.97 12.53 31.60
C PHE C 13 8.06 12.55 32.82
N THR C 14 8.34 11.67 33.79
CA THR C 14 7.52 11.65 35.00
C THR C 14 7.60 12.96 35.75
N GLU C 15 8.76 13.63 35.70
CA GLU C 15 8.92 14.91 36.39
C GLU C 15 7.86 15.90 35.95
N HIS C 16 7.35 15.76 34.73
CA HIS C 16 6.25 16.58 34.23
C HIS C 16 4.96 15.79 34.07
N LYS C 17 4.84 14.65 34.75
CA LYS C 17 3.64 13.82 34.66
C LYS C 17 3.31 13.50 33.20
N SER C 18 4.34 13.21 32.43
CA SER C 18 4.20 12.97 31.00
C SER C 18 4.70 11.57 30.66
N GLN C 19 4.41 11.16 29.43
CA GLN C 19 4.89 9.89 28.90
C GLN C 19 5.35 10.11 27.48
N GLY C 20 6.46 9.48 27.12
CA GLY C 20 6.98 9.63 25.77
C GLY C 20 8.29 8.88 25.64
N VAL C 21 8.95 9.12 24.51
CA VAL C 21 10.21 8.49 24.20
C VAL C 21 11.16 9.56 23.65
N VAL C 22 12.42 9.47 24.06
CA VAL C 22 13.51 10.20 23.40
C VAL C 22 14.44 9.16 22.79
N VAL C 23 14.81 9.37 21.54
CA VAL C 23 15.75 8.51 20.84
C VAL C 23 16.94 9.37 20.41
N LEU C 24 18.15 8.93 20.75
CA LEU C 24 19.37 9.60 20.35
C LEU C 24 20.23 8.65 19.52
N TRP C 25 20.94 9.23 18.56
CA TRP C 25 21.89 8.48 17.73
C TRP C 25 23.21 9.24 17.67
N ASN C 26 24.26 8.59 18.15
CA ASN C 26 25.63 9.11 18.10
C ASN C 26 26.23 8.75 16.74
N GLU C 27 26.39 9.76 15.87
CA GLU C 27 26.83 9.48 14.51
C GLU C 27 28.24 8.90 14.47
N ASN C 28 29.17 9.47 15.24
CA ASN C 28 30.54 8.99 15.25
C ASN C 28 30.59 7.51 15.65
N LYS C 29 29.88 7.15 16.72
CA LYS C 29 29.95 5.81 17.27
C LYS C 29 28.93 4.85 16.64
N GLN C 30 28.00 5.36 15.83
CA GLN C 30 26.97 4.53 15.21
C GLN C 30 26.24 3.72 16.28
N GLN C 31 25.83 4.40 17.35
CA GLN C 31 25.16 3.80 18.48
C GLN C 31 23.92 4.62 18.85
N GLY C 32 22.85 3.93 19.20
CA GLY C 32 21.59 4.58 19.56
C GLY C 32 21.27 4.39 21.03
N PHE C 33 20.48 5.32 21.57
CA PHE C 33 20.11 5.35 22.98
C PHE C 33 18.68 5.83 23.10
N THR C 34 17.90 5.18 23.97
CA THR C 34 16.53 5.58 24.19
C THR C 34 16.07 5.09 25.55
N ASN C 35 15.05 5.76 26.09
CA ASN C 35 14.46 5.33 27.35
C ASN C 35 13.48 4.19 27.17
N ASN C 36 13.05 3.91 25.94
CA ASN C 36 11.97 2.96 25.69
C ASN C 36 12.16 2.43 24.29
N LEU C 37 12.78 1.26 24.18
CA LEU C 37 13.04 0.66 22.86
C LEU C 37 11.75 0.40 22.10
N LYS C 38 10.72 -0.07 22.78
CA LYS C 38 9.46 -0.37 22.12
C LYS C 38 8.85 0.89 21.51
N ARG C 39 8.63 1.93 22.33
CA ARG C 39 8.01 3.13 21.80
C ARG C 39 8.90 3.83 20.78
N ALA C 40 10.22 3.66 20.90
CA ALA C 40 11.13 4.20 19.89
C ALA C 40 10.81 3.63 18.51
N ASN C 41 10.23 2.43 18.46
CA ASN C 41 9.89 1.78 17.20
C ASN C 41 8.39 1.78 16.93
N GLN C 42 7.59 2.48 17.74
CA GLN C 42 6.17 2.60 17.47
C GLN C 42 5.94 3.70 16.44
N ALA C 43 5.14 3.39 15.43
CA ALA C 43 4.95 4.29 14.30
C ALA C 43 3.69 5.11 14.52
N PHE C 44 3.83 6.43 14.44
CA PHE C 44 2.75 7.38 14.62
C PHE C 44 2.59 8.22 13.36
N LEU C 45 1.48 8.92 13.30
CA LEU C 45 1.33 9.99 12.32
C LEU C 45 2.48 10.99 12.50
N PRO C 46 3.15 11.40 11.43
CA PRO C 46 4.23 12.38 11.57
C PRO C 46 3.74 13.79 11.86
N ALA C 47 2.50 14.12 11.50
CA ALA C 47 1.98 15.47 11.60
C ALA C 47 3.00 16.44 10.99
N SER C 48 3.25 17.57 11.64
CA SER C 48 4.04 18.61 10.99
C SER C 48 5.52 18.24 10.81
N THR C 49 5.99 17.13 11.40
CA THR C 49 7.34 16.69 11.04
C THR C 49 7.40 16.31 9.57
N PHE C 50 6.26 16.05 8.94
CA PHE C 50 6.22 15.73 7.54
C PHE C 50 6.60 16.92 6.67
N KCX C 51 6.67 18.11 7.26
CA KCX C 51 7.05 19.29 6.50
CB KCX C 51 6.86 20.56 7.33
CG KCX C 51 5.38 20.94 7.46
CD KCX C 51 5.15 22.31 8.11
CE KCX C 51 3.66 22.65 8.10
NZ KCX C 51 2.88 21.68 8.92
C KCX C 51 8.49 19.17 6.00
O KCX C 51 8.87 19.81 5.03
CX KCX C 51 2.19 20.69 8.34
OQ1 KCX C 51 1.56 19.89 9.04
OQ2 KCX C 51 2.19 20.57 7.11
H KCX C 51 6.50 18.26 8.09
HA KCX C 51 6.48 19.34 5.71
HB2 KCX C 51 7.31 21.30 6.89
HG2 KCX C 51 4.93 20.27 8.00
HD2 KCX C 51 5.44 22.27 9.03
HE2 KCX C 51 3.33 22.62 7.19
N ILE C 52 9.30 18.31 6.64
CA ILE C 52 10.66 18.10 6.15
C ILE C 52 10.63 17.40 4.78
N PRO C 53 10.07 16.19 4.69
CA PRO C 53 10.00 15.55 3.37
C PRO C 53 9.15 16.33 2.38
N ASN C 54 8.06 16.92 2.85
CA ASN C 54 7.22 17.71 1.96
C ASN C 54 8.01 18.87 1.36
N SER C 55 8.82 19.56 2.16
CA SER C 55 9.66 20.63 1.64
C SER C 55 10.63 20.10 0.59
N LEU C 56 11.30 18.99 0.88
CA LEU C 56 12.26 18.42 -0.06
C LEU C 56 11.60 18.16 -1.41
N ILE C 57 10.41 17.57 -1.38
CA ILE C 57 9.73 17.21 -2.62
C ILE C 57 9.30 18.45 -3.38
N ALA C 58 8.73 19.44 -2.68
CA ALA C 58 8.27 20.64 -3.35
C ALA C 58 9.43 21.37 -4.02
N LEU C 59 10.58 21.44 -3.36
CA LEU C 59 11.74 22.11 -3.94
C LEU C 59 12.26 21.35 -5.14
N ASP C 60 12.39 20.03 -5.02
CA ASP C 60 13.01 19.26 -6.10
C ASP C 60 12.13 19.25 -7.35
N LEU C 61 10.82 19.36 -7.18
CA LEU C 61 9.89 19.38 -8.30
C LEU C 61 9.65 20.77 -8.86
N GLY C 62 10.22 21.80 -8.24
CA GLY C 62 9.99 23.16 -8.69
C GLY C 62 8.71 23.78 -8.20
N VAL C 63 7.93 23.06 -7.38
CA VAL C 63 6.76 23.66 -6.75
C VAL C 63 7.16 24.86 -5.90
N VAL C 64 8.31 24.76 -5.23
CA VAL C 64 8.91 25.89 -4.53
C VAL C 64 10.21 26.23 -5.26
N LYS C 65 10.33 27.47 -5.72
CA LYS C 65 11.52 27.85 -6.48
C LYS C 65 12.73 27.97 -5.57
N ASP C 66 12.58 28.67 -4.45
CA ASP C 66 13.66 28.82 -3.48
C ASP C 66 13.05 29.23 -2.14
N GLU C 67 13.92 29.49 -1.16
CA GLU C 67 13.48 29.81 0.19
C GLU C 67 12.99 31.24 0.34
N HIS C 68 13.02 32.03 -0.75
CA HIS C 68 12.51 33.39 -0.71
C HIS C 68 11.11 33.53 -1.32
N GLN C 69 10.68 32.56 -2.13
CA GLN C 69 9.39 32.66 -2.78
C GLN C 69 8.28 32.86 -1.74
N VAL C 70 7.41 33.83 -2.00
CA VAL C 70 6.36 34.21 -1.07
C VAL C 70 5.08 33.47 -1.43
N PHE C 71 4.49 32.80 -0.44
CA PHE C 71 3.20 32.15 -0.57
C PHE C 71 2.18 33.01 0.18
N LYS C 72 1.34 33.69 -0.58
CA LYS C 72 0.45 34.70 -0.02
C LYS C 72 -0.64 34.05 0.83
N TRP C 73 -0.96 34.69 1.94
CA TRP C 73 -2.12 34.29 2.73
C TRP C 73 -3.35 34.27 1.84
N ASP C 74 -4.11 33.18 1.92
CA ASP C 74 -5.31 33.04 1.11
C ASP C 74 -6.51 33.83 1.65
N GLY C 75 -6.33 34.58 2.72
CA GLY C 75 -7.38 35.42 3.26
C GLY C 75 -8.36 34.74 4.19
N GLN C 76 -8.19 33.45 4.48
CA GLN C 76 -9.04 32.74 5.42
C GLN C 76 -8.44 32.87 6.82
N THR C 77 -9.17 33.49 7.73
CA THR C 77 -8.70 33.65 9.10
C THR C 77 -8.76 32.31 9.81
N ARG C 78 -7.61 31.85 10.28
CA ARG C 78 -7.49 30.59 11.01
C ARG C 78 -7.13 30.86 12.46
N ASP C 79 -7.19 29.81 13.27
CA ASP C 79 -7.10 29.98 14.72
C ASP C 79 -5.68 30.33 15.19
N ILE C 80 -4.67 30.16 14.34
CA ILE C 80 -3.30 30.48 14.70
C ILE C 80 -2.92 31.75 13.96
N ALA C 81 -2.75 32.84 14.71
CA ALA C 81 -2.55 34.15 14.11
C ALA C 81 -1.39 34.12 13.13
N THR C 82 -0.29 33.42 13.46
CA THR C 82 0.88 33.44 12.61
C THR C 82 0.63 32.82 11.24
N TRP C 83 -0.45 32.05 11.09
CA TRP C 83 -0.79 31.49 9.79
C TRP C 83 -1.48 32.50 8.88
N ASN C 84 -2.05 33.56 9.45
CA ASN C 84 -2.84 34.53 8.69
C ASN C 84 -1.97 35.67 8.17
N ARG C 85 -0.93 35.29 7.42
CA ARG C 85 0.01 36.25 6.86
C ARG C 85 0.76 35.56 5.72
N ASP C 86 1.51 36.36 4.96
CA ASP C 86 2.35 35.80 3.92
C ASP C 86 3.54 35.07 4.55
N HIS C 87 4.01 34.04 3.85
CA HIS C 87 5.12 33.24 4.33
C HIS C 87 6.02 32.86 3.16
N ASN C 88 7.27 32.56 3.50
CA ASN C 88 8.18 31.83 2.63
C ASN C 88 8.49 30.48 3.28
N LEU C 89 9.38 29.72 2.64
CA LEU C 89 9.68 28.38 3.14
C LEU C 89 10.24 28.43 4.56
N ILE C 90 11.08 29.41 4.85
CA ILE C 90 11.69 29.51 6.18
C ILE C 90 10.62 29.76 7.23
N THR C 91 9.81 30.80 7.02
CA THR C 91 8.82 31.15 8.03
C THR C 91 7.70 30.12 8.08
N ALA C 92 7.36 29.51 6.94
CA ALA C 92 6.34 28.46 6.94
C ALA C 92 6.77 27.28 7.78
N MET C 93 8.05 26.92 7.73
CA MET C 93 8.59 25.89 8.60
C MET C 93 8.55 26.34 10.05
N LYS C 94 9.09 27.54 10.32
CA LYS C 94 9.20 28.04 11.67
C LYS C 94 7.86 28.04 12.40
N TYR C 95 6.79 28.45 11.72
CA TYR C 95 5.49 28.56 12.33
C TYR C 95 4.56 27.41 11.98
N SER C 96 5.10 26.36 11.33
N SER C 96 5.07 26.36 11.33
CA SER C 96 4.36 25.15 11.01
CA SER C 96 4.27 25.16 11.09
C SER C 96 3.04 25.49 10.33
C SER C 96 3.00 25.49 10.31
N VAL C 97 3.14 26.27 9.25
CA VAL C 97 1.96 26.77 8.53
C VAL C 97 1.36 25.67 7.67
N VAL C 98 0.43 24.91 8.26
CA VAL C 98 -0.19 23.80 7.53
C VAL C 98 -0.75 24.24 6.18
N PRO C 99 -1.57 25.28 6.07
CA PRO C 99 -2.21 25.58 4.78
C PRO C 99 -1.22 25.82 3.65
N VAL C 100 -0.04 26.36 3.94
CA VAL C 100 0.96 26.54 2.89
C VAL C 100 1.41 25.18 2.36
N TYR C 101 1.65 24.23 3.26
CA TYR C 101 2.11 22.91 2.86
C TYR C 101 1.00 22.06 2.25
N GLN C 102 -0.25 22.33 2.61
CA GLN C 102 -1.36 21.67 1.93
C GLN C 102 -1.36 22.06 0.45
N GLU C 103 -1.13 23.34 0.17
CA GLU C 103 -1.03 23.78 -1.22
C GLU C 103 0.13 23.10 -1.93
N PHE C 104 1.29 22.99 -1.27
CA PHE C 104 2.41 22.23 -1.81
C PHE C 104 1.95 20.84 -2.23
N ALA C 105 1.29 20.13 -1.30
CA ALA C 105 0.94 18.73 -1.54
C ALA C 105 0.01 18.59 -2.73
N ARG C 106 -0.97 19.48 -2.86
CA ARG C 106 -1.88 19.42 -4.00
C ARG C 106 -1.13 19.58 -5.31
N GLN C 107 -0.16 20.49 -5.35
CA GLN C 107 0.60 20.69 -6.59
C GLN C 107 1.54 19.52 -6.85
N ILE C 108 2.09 18.94 -5.78
CA ILE C 108 2.89 17.73 -5.92
C ILE C 108 2.05 16.61 -6.52
N GLY C 109 0.89 16.34 -5.92
CA GLY C 109 -0.01 15.33 -6.42
C GLY C 109 0.24 13.95 -5.81
N GLU C 110 -0.80 13.12 -5.86
CA GLU C 110 -0.75 11.81 -5.23
C GLU C 110 0.41 10.97 -5.77
N ALA C 111 0.51 10.87 -7.10
CA ALA C 111 1.49 9.96 -7.69
C ALA C 111 2.92 10.34 -7.31
N ARG C 112 3.28 11.61 -7.47
CA ARG C 112 4.65 12.02 -7.21
C ARG C 112 4.96 11.97 -5.71
N MET C 113 3.98 12.32 -4.87
CA MET C 113 4.18 12.22 -3.43
C MET C 113 4.47 10.78 -3.03
N SER C 114 3.65 9.84 -3.53
CA SER C 114 3.85 8.44 -3.18
C SER C 114 5.22 7.94 -3.63
N LYS C 115 5.58 8.25 -4.88
CA LYS C 115 6.87 7.80 -5.41
C LYS C 115 8.04 8.36 -4.62
N MET C 116 7.97 9.65 -4.23
CA MET C 116 9.07 10.26 -3.51
C MET C 116 9.22 9.67 -2.11
N LEU C 117 8.10 9.42 -1.42
CA LEU C 117 8.20 8.81 -0.10
C LEU C 117 8.76 7.40 -0.18
N HIS C 118 8.44 6.66 -1.23
CA HIS C 118 9.09 5.37 -1.43
C HIS C 118 10.59 5.54 -1.65
N ALA C 119 10.97 6.49 -2.49
CA ALA C 119 12.39 6.74 -2.71
C ALA C 119 13.07 7.12 -1.41
N PHE C 120 12.36 7.81 -0.52
CA PHE C 120 12.90 8.20 0.78
C PHE C 120 12.90 7.06 1.78
N ASP C 121 12.24 5.94 1.49
CA ASP C 121 12.13 4.86 2.47
C ASP C 121 11.46 5.37 3.74
N TYR C 122 10.46 6.24 3.58
CA TYR C 122 9.91 7.05 4.67
C TYR C 122 8.76 6.30 5.33
N GLY C 123 8.97 5.86 6.58
CA GLY C 123 7.90 5.23 7.34
C GLY C 123 7.30 4.04 6.61
N ASN C 124 5.98 3.92 6.67
CA ASN C 124 5.27 2.86 5.95
C ASN C 124 4.94 3.25 4.50
N GLU C 125 5.36 4.43 4.04
CA GLU C 125 5.27 4.85 2.64
C GLU C 125 3.84 4.88 2.11
N ASP C 126 2.86 4.91 3.00
CA ASP C 126 1.42 4.85 2.70
C ASP C 126 0.81 6.24 2.84
N ILE C 127 0.42 6.86 1.71
CA ILE C 127 -0.17 8.19 1.71
C ILE C 127 -1.70 8.13 1.63
N SER C 128 -2.31 7.00 1.98
CA SER C 128 -3.76 6.87 1.89
C SER C 128 -4.47 8.00 2.63
N GLY C 129 -5.50 8.54 2.00
CA GLY C 129 -6.21 9.69 2.53
C GLY C 129 -6.16 10.86 1.57
N ASN C 130 -6.45 12.06 2.06
CA ASN C 130 -6.39 13.24 1.22
C ASN C 130 -4.95 13.61 0.93
N VAL C 131 -4.66 13.92 -0.33
CA VAL C 131 -3.29 14.27 -0.71
C VAL C 131 -2.79 15.43 0.12
N ASP C 132 -3.70 16.28 0.60
CA ASP C 132 -3.34 17.47 1.36
C ASP C 132 -3.60 17.35 2.86
N SER C 133 -3.77 16.12 3.38
CA SER C 133 -3.87 15.97 4.83
C SER C 133 -3.45 14.60 5.34
N PHE C 134 -2.89 13.71 4.50
CA PHE C 134 -2.64 12.34 4.94
C PHE C 134 -1.63 12.30 6.09
N TRP C 135 -0.73 13.27 6.19
CA TRP C 135 0.23 13.29 7.28
C TRP C 135 -0.39 13.77 8.59
N LEU C 136 -1.63 14.27 8.55
CA LEU C 136 -2.37 14.67 9.74
C LEU C 136 -3.47 13.71 10.13
N ASP C 137 -4.12 13.07 9.14
CA ASP C 137 -5.21 12.16 9.45
C ASP C 137 -5.35 11.04 8.43
N GLY C 138 -4.30 10.72 7.68
CA GLY C 138 -4.30 9.63 6.73
C GLY C 138 -3.61 8.40 7.28
N GLY C 139 -3.11 7.57 6.37
CA GLY C 139 -2.56 6.29 6.75
C GLY C 139 -1.06 6.21 6.95
N ILE C 140 -0.31 7.28 6.70
CA ILE C 140 1.15 7.19 6.78
C ILE C 140 1.55 7.15 8.24
N ARG C 141 2.55 6.32 8.56
CA ARG C 141 3.01 6.15 9.93
C ARG C 141 4.54 6.07 9.91
N ILE C 142 5.16 6.61 10.94
CA ILE C 142 6.62 6.59 11.04
C ILE C 142 7.01 6.57 12.51
N SER C 143 8.05 5.81 12.81
CA SER C 143 8.56 5.70 14.17
C SER C 143 9.70 6.68 14.40
N ALA C 144 10.04 6.87 15.68
CA ALA C 144 11.16 7.75 16.02
C ALA C 144 12.47 7.25 15.41
N THR C 145 12.72 5.93 15.48
CA THR C 145 13.95 5.42 14.86
C THR C 145 13.92 5.60 13.34
N GLU C 146 12.74 5.49 12.73
CA GLU C 146 12.64 5.72 11.29
C GLU C 146 12.85 7.18 10.94
N GLN C 147 12.41 8.10 11.82
CA GLN C 147 12.72 9.52 11.61
C GLN C 147 14.23 9.74 11.59
N ILE C 148 14.95 9.11 12.52
CA ILE C 148 16.41 9.26 12.56
C ILE C 148 17.04 8.72 11.28
N SER C 149 16.64 7.52 10.86
CA SER C 149 17.22 6.96 9.63
C SER C 149 17.02 7.91 8.47
N PHE C 150 15.82 8.47 8.35
CA PHE C 150 15.54 9.45 7.29
C PHE C 150 16.38 10.70 7.47
N LEU C 151 16.48 11.21 8.71
CA LEU C 151 17.25 12.42 8.96
C LEU C 151 18.72 12.22 8.66
N ARG C 152 19.25 11.03 8.97
CA ARG C 152 20.66 10.78 8.66
C ARG C 152 20.93 10.89 7.17
N LYS C 153 20.03 10.37 6.33
CA LYS C 153 20.19 10.53 4.89
C LYS C 153 20.20 12.01 4.51
N LEU C 154 19.25 12.77 5.05
CA LEU C 154 19.20 14.20 4.77
C LEU C 154 20.49 14.90 5.17
N TYR C 155 20.98 14.61 6.38
CA TYR C 155 22.20 15.26 6.84
C TYR C 155 23.35 15.03 5.87
N HIS C 156 23.48 13.81 5.34
CA HIS C 156 24.57 13.44 4.47
C HIS C 156 24.27 13.70 3.00
N ASN C 157 23.16 14.38 2.69
CA ASN C 157 22.76 14.65 1.31
C ASN C 157 22.57 13.35 0.52
N LYS C 158 22.11 12.30 1.20
CA LYS C 158 21.97 10.98 0.58
C LYS C 158 20.56 10.70 0.11
N LEU C 159 19.61 11.60 0.35
CA LEU C 159 18.27 11.41 -0.17
C LEU C 159 18.26 11.63 -1.67
N HIS C 160 17.29 11.01 -2.33
CA HIS C 160 17.23 11.00 -3.79
C HIS C 160 16.47 12.22 -4.32
N VAL C 161 16.95 13.38 -3.88
CA VAL C 161 16.65 14.68 -4.46
C VAL C 161 17.97 15.42 -4.57
N SER C 162 17.94 16.58 -5.21
CA SER C 162 19.19 17.29 -5.48
C SER C 162 19.84 17.72 -4.17
N GLU C 163 21.17 17.90 -4.23
CA GLU C 163 21.88 18.46 -3.09
C GLU C 163 21.30 19.81 -2.70
N ARG C 164 20.95 20.63 -3.70
CA ARG C 164 20.39 21.96 -3.41
C ARG C 164 19.13 21.85 -2.58
N SER C 165 18.21 20.97 -2.98
CA SER C 165 16.97 20.81 -2.21
C SER C 165 17.27 20.43 -0.77
N GLN C 166 18.25 19.56 -0.56
CA GLN C 166 18.56 19.11 0.80
C GLN C 166 19.21 20.22 1.61
N ARG C 167 20.09 21.01 1.00
CA ARG C 167 20.70 22.13 1.71
C ARG C 167 19.64 23.16 2.12
N ILE C 168 18.69 23.45 1.24
CA ILE C 168 17.68 24.46 1.54
C ILE C 168 16.81 24.00 2.71
N VAL C 169 16.36 22.75 2.68
CA VAL C 169 15.50 22.25 3.76
C VAL C 169 16.26 22.25 5.08
N LYS C 170 17.54 21.90 5.06
CA LYS C 170 18.33 21.93 6.30
C LYS C 170 18.51 23.37 6.80
N GLN C 171 18.63 24.34 5.89
CA GLN C 171 18.60 25.74 6.31
C GLN C 171 17.28 26.07 6.98
N ALA C 172 16.16 25.68 6.37
CA ALA C 172 14.84 25.97 6.91
C ALA C 172 14.58 25.23 8.23
N MET C 173 15.31 24.15 8.49
CA MET C 173 15.18 23.43 9.75
C MET C 173 15.93 24.10 10.89
N LEU C 174 16.74 25.12 10.61
CA LEU C 174 17.52 25.77 11.65
C LEU C 174 16.61 26.29 12.75
N THR C 175 16.86 25.84 13.98
CA THR C 175 16.05 26.16 15.14
C THR C 175 16.81 26.94 16.20
N GLU C 176 18.05 26.55 16.48
CA GLU C 176 18.84 27.19 17.52
C GLU C 176 20.31 27.04 17.17
N ALA C 177 21.08 28.08 17.46
CA ALA C 177 22.52 28.03 17.24
C ALA C 177 23.20 28.98 18.22
N ASN C 178 24.30 28.50 18.81
CA ASN C 178 25.12 29.31 19.69
C ASN C 178 26.56 28.78 19.59
N GLY C 179 27.43 29.28 20.47
CA GLY C 179 28.81 28.87 20.44
C GLY C 179 29.05 27.42 20.81
N ASP C 180 28.01 26.74 21.32
CA ASP C 180 28.14 25.37 21.78
C ASP C 180 27.52 24.33 20.86
N TYR C 181 26.44 24.67 20.15
CA TYR C 181 25.79 23.67 19.31
C TYR C 181 24.89 24.37 18.29
N ILE C 182 24.47 23.59 17.30
CA ILE C 182 23.46 23.98 16.34
C ILE C 182 22.38 22.91 16.35
N ILE C 183 21.13 23.32 16.45
CA ILE C 183 19.99 22.41 16.37
C ILE C 183 19.24 22.70 15.08
N ARG C 184 19.11 21.68 14.25
CA ARG C 184 18.21 21.67 13.10
C ARG C 184 17.14 20.64 13.37
N ALA C 185 15.88 21.06 13.36
CA ALA C 185 14.80 20.22 13.88
C ALA C 185 13.47 20.69 13.33
N LYS C 186 12.44 19.87 13.58
CA LYS C 186 11.07 20.23 13.22
C LYS C 186 10.13 19.66 14.27
N THR C 187 9.20 20.51 14.75
CA THR C 187 8.19 20.06 15.69
C THR C 187 7.01 19.43 14.96
N GLY C 188 6.26 18.62 15.69
CA GLY C 188 5.02 18.08 15.18
C GLY C 188 4.00 17.98 16.29
N TYR C 189 2.73 18.10 15.90
CA TYR C 189 1.61 18.04 16.84
C TYR C 189 0.47 17.32 16.16
N SER C 190 0.21 16.08 16.57
CA SER C 190 -0.80 15.24 15.94
C SER C 190 -2.03 15.26 16.83
N THR C 191 -3.12 15.84 16.32
CA THR C 191 -4.35 16.00 17.08
C THR C 191 -5.59 15.39 16.43
N ARG C 192 -5.54 15.05 15.15
CA ARG C 192 -6.76 14.64 14.46
C ARG C 192 -7.12 13.18 14.70
N ILE C 193 -6.14 12.35 15.03
CA ILE C 193 -6.35 10.91 15.23
C ILE C 193 -5.68 10.52 16.54
N GLU C 194 -6.38 9.73 17.36
CA GLU C 194 -5.78 9.28 18.60
C GLU C 194 -4.65 8.29 18.29
N PRO C 195 -3.60 8.25 19.12
CA PRO C 195 -3.40 9.11 20.29
C PRO C 195 -2.81 10.46 19.92
N LYS C 196 -3.25 11.53 20.58
CA LYS C 196 -2.65 12.83 20.36
C LYS C 196 -1.23 12.83 20.92
N ILE C 197 -0.27 13.26 20.11
CA ILE C 197 1.14 13.26 20.51
C ILE C 197 1.81 14.53 20.01
N GLY C 198 2.95 14.84 20.60
CA GLY C 198 3.85 15.85 20.09
C GLY C 198 5.14 15.20 19.60
N TRP C 199 5.71 15.79 18.55
CA TRP C 199 6.99 15.36 17.98
C TRP C 199 8.05 16.43 18.14
N TRP C 200 9.30 16.01 18.24
CA TRP C 200 10.44 16.87 17.92
C TRP C 200 11.53 15.97 17.36
N VAL C 201 11.93 16.23 16.11
CA VAL C 201 12.94 15.43 15.43
C VAL C 201 13.95 16.36 14.78
N GLY C 202 15.21 15.93 14.76
CA GLY C 202 16.27 16.73 14.18
C GLY C 202 17.62 16.21 14.61
N TRP C 203 18.57 17.13 14.76
CA TRP C 203 19.89 16.74 15.24
C TRP C 203 20.58 17.93 15.88
N VAL C 204 21.60 17.61 16.68
CA VAL C 204 22.45 18.58 17.36
C VAL C 204 23.83 18.48 16.73
N GLU C 205 24.30 19.58 16.14
CA GLU C 205 25.62 19.62 15.54
C GLU C 205 26.62 20.12 16.56
N LEU C 206 27.67 19.33 16.79
CA LEU C 206 28.80 19.73 17.62
C LEU C 206 30.03 19.90 16.75
N ASP C 207 31.11 20.39 17.37
CA ASP C 207 32.36 20.59 16.63
C ASP C 207 32.82 19.30 15.96
N ASP C 208 32.73 18.17 16.66
CA ASP C 208 33.35 16.93 16.21
C ASP C 208 32.37 15.75 16.12
N ASN C 209 31.08 15.99 16.21
CA ASN C 209 30.12 14.90 16.18
C ASN C 209 28.73 15.48 15.89
N VAL C 210 27.81 14.59 15.56
CA VAL C 210 26.42 14.97 15.36
C VAL C 210 25.56 13.98 16.14
N TRP C 211 24.60 14.51 16.90
CA TRP C 211 23.65 13.69 17.64
C TRP C 211 22.28 13.88 16.99
N PHE C 212 21.79 12.83 16.35
CA PHE C 212 20.44 12.84 15.83
C PHE C 212 19.47 12.49 16.95
N PHE C 213 18.29 13.11 16.92
CA PHE C 213 17.29 12.84 17.94
C PHE C 213 15.90 12.79 17.32
N ALA C 214 15.05 11.99 17.94
CA ALA C 214 13.63 11.94 17.61
C ALA C 214 12.89 11.59 18.90
N MET C 215 11.94 12.44 19.26
CA MET C 215 11.15 12.24 20.47
C MET C 215 9.68 12.41 20.12
N ASN C 216 8.84 11.65 20.81
CA ASN C 216 7.42 11.95 20.84
C ASN C 216 6.88 11.69 22.24
N MET C 217 5.74 12.30 22.54
CA MET C 217 5.15 12.22 23.87
C MET C 217 3.65 12.42 23.75
N ASP C 218 2.91 11.79 24.65
CA ASP C 218 1.47 12.00 24.70
C ASP C 218 1.18 13.48 24.93
N MET C 219 0.20 14.00 24.18
CA MET C 219 -0.12 15.43 24.19
C MET C 219 -1.64 15.58 24.21
N PRO C 220 -2.28 15.23 25.32
CA PRO C 220 -3.75 15.34 25.39
C PRO C 220 -4.24 16.78 25.23
N THR C 221 -3.44 17.76 25.63
CA THR C 221 -3.78 19.16 25.47
C THR C 221 -2.57 19.92 24.93
N SER C 222 -2.84 21.09 24.35
CA SER C 222 -1.78 21.94 23.84
C SER C 222 -0.93 22.54 24.97
N ASP C 223 -1.34 22.37 26.22
CA ASP C 223 -0.62 23.00 27.33
C ASP C 223 0.82 22.52 27.44
N GLY C 224 1.09 21.28 27.03
CA GLY C 224 2.39 20.69 27.20
C GLY C 224 3.31 20.73 25.99
N LEU C 225 3.00 21.53 24.98
CA LEU C 225 3.81 21.50 23.77
C LEU C 225 5.25 21.88 24.06
N GLY C 226 5.46 22.85 24.94
CA GLY C 226 6.82 23.26 25.29
C GLY C 226 7.65 22.16 25.91
N LEU C 227 7.00 21.09 26.39
CA LEU C 227 7.73 19.98 26.99
C LEU C 227 8.49 19.17 25.95
N ARG C 228 8.09 19.24 24.68
CA ARG C 228 8.80 18.51 23.64
C ARG C 228 10.27 18.91 23.61
N GLN C 229 10.55 20.22 23.58
CA GLN C 229 11.93 20.69 23.58
C GLN C 229 12.56 20.59 24.96
N ALA C 230 11.80 20.90 26.01
CA ALA C 230 12.37 20.94 27.35
C ALA C 230 12.84 19.55 27.79
N ILE C 231 12.01 18.53 27.58
CA ILE C 231 12.40 17.17 27.96
C ILE C 231 13.59 16.71 27.14
N THR C 232 13.56 16.94 25.82
CA THR C 232 14.68 16.57 24.98
C THR C 232 15.97 17.19 25.48
N LYS C 233 15.94 18.49 25.82
CA LYS C 233 17.16 19.16 26.24
C LYS C 233 17.64 18.65 27.60
N GLU C 234 16.70 18.26 28.48
CA GLU C 234 17.11 17.67 29.76
C GLU C 234 17.88 16.38 29.53
N VAL C 235 17.43 15.56 28.58
CA VAL C 235 18.18 14.36 28.23
C VAL C 235 19.54 14.74 27.65
N LEU C 236 19.56 15.70 26.73
CA LEU C 236 20.82 16.14 26.13
C LEU C 236 21.77 16.66 27.20
N LYS C 237 21.26 17.43 28.16
CA LYS C 237 22.10 17.93 29.25
C LYS C 237 22.60 16.79 30.12
N GLN C 238 21.72 15.84 30.47
CA GLN C 238 22.15 14.70 31.28
C GLN C 238 23.28 13.95 30.60
N GLU C 239 23.20 13.76 29.28
CA GLU C 239 24.21 13.04 28.54
C GLU C 239 25.40 13.93 28.17
N LYS C 240 25.48 15.13 28.73
CA LYS C 240 26.62 16.03 28.52
C LYS C 240 26.80 16.35 27.04
N ILE C 241 25.72 16.33 26.28
CA ILE C 241 25.79 16.68 24.86
C ILE C 241 25.72 18.19 24.70
N ILE C 242 24.93 18.86 25.52
CA ILE C 242 24.88 20.32 25.53
C ILE C 242 25.11 20.76 26.99
N PRO C 243 25.63 21.96 27.23
CA PRO C 243 25.84 22.42 28.61
C PRO C 243 24.53 22.56 29.39
N GLU D 2 29.52 -9.91 -25.90
CA GLU D 2 28.43 -10.62 -25.23
C GLU D 2 27.53 -9.65 -24.47
N TRP D 3 26.61 -10.22 -23.69
CA TRP D 3 25.67 -9.45 -22.89
C TRP D 3 25.85 -9.77 -21.42
N GLN D 4 25.77 -8.74 -20.57
CA GLN D 4 25.88 -8.88 -19.13
C GLN D 4 24.70 -8.17 -18.50
N GLU D 5 24.09 -8.81 -17.51
CA GLU D 5 22.92 -8.27 -16.85
C GLU D 5 23.33 -7.68 -15.51
N ASN D 6 23.01 -6.41 -15.28
CA ASN D 6 23.34 -5.70 -14.05
C ASN D 6 22.01 -5.22 -13.47
N LYS D 7 21.41 -6.05 -12.61
CA LYS D 7 20.12 -5.73 -12.03
C LYS D 7 20.19 -4.59 -11.01
N SER D 8 21.40 -4.16 -10.62
CA SER D 8 21.49 -3.03 -9.69
C SER D 8 20.92 -1.77 -10.31
N TRP D 9 20.90 -1.67 -11.65
CA TRP D 9 20.29 -0.52 -12.30
C TRP D 9 18.79 -0.48 -12.06
N ASN D 10 18.18 -1.62 -11.74
CA ASN D 10 16.74 -1.64 -11.47
C ASN D 10 16.36 -0.64 -10.38
N ALA D 11 17.30 -0.34 -9.47
CA ALA D 11 17.03 0.64 -8.43
C ALA D 11 16.64 1.99 -9.02
N HIS D 12 17.23 2.34 -10.17
CA HIS D 12 16.92 3.63 -10.79
C HIS D 12 15.47 3.68 -11.27
N PHE D 13 14.89 2.52 -11.63
CA PHE D 13 13.49 2.46 -12.03
C PHE D 13 12.56 2.32 -10.83
N THR D 14 12.88 1.42 -9.89
CA THR D 14 12.01 1.17 -8.75
C THR D 14 11.83 2.41 -7.87
N GLU D 15 12.88 3.24 -7.74
CA GLU D 15 12.73 4.43 -6.90
C GLU D 15 11.59 5.31 -7.36
N HIS D 16 11.25 5.26 -8.65
CA HIS D 16 10.13 6.03 -9.17
C HIS D 16 8.92 5.14 -9.41
N LYS D 17 8.89 3.98 -8.77
CA LYS D 17 7.79 3.03 -8.92
C LYS D 17 7.49 2.75 -10.38
N SER D 18 8.55 2.64 -11.18
CA SER D 18 8.43 2.42 -12.61
C SER D 18 9.16 1.15 -12.98
N GLN D 19 8.96 0.75 -14.23
CA GLN D 19 9.58 -0.44 -14.79
C GLN D 19 10.09 -0.09 -16.18
N GLY D 20 11.25 -0.64 -16.52
CA GLY D 20 11.81 -0.37 -17.83
C GLY D 20 13.15 -1.05 -17.98
N VAL D 21 13.82 -0.73 -19.08
CA VAL D 21 15.11 -1.32 -19.40
C VAL D 21 16.04 -0.23 -19.92
N VAL D 22 17.29 -0.30 -19.52
CA VAL D 22 18.37 0.46 -20.14
C VAL D 22 19.32 -0.56 -20.77
N VAL D 23 19.69 -0.31 -22.03
CA VAL D 23 20.64 -1.14 -22.74
C VAL D 23 21.81 -0.28 -23.16
N LEU D 24 23.03 -0.72 -22.82
CA LEU D 24 24.24 -0.02 -23.21
C LEU D 24 25.10 -0.94 -24.07
N TRP D 25 25.79 -0.36 -25.04
CA TRP D 25 26.72 -1.10 -25.90
C TRP D 25 28.04 -0.34 -25.96
N ASN D 26 29.10 -0.98 -25.50
CA ASN D 26 30.45 -0.42 -25.56
C ASN D 26 31.06 -0.79 -26.92
N GLU D 27 31.21 0.21 -27.79
CA GLU D 27 31.63 -0.06 -29.16
C GLU D 27 33.05 -0.63 -29.21
N ASN D 28 33.98 -0.03 -28.46
CA ASN D 28 35.35 -0.51 -28.48
C ASN D 28 35.44 -1.97 -28.10
N LYS D 29 34.77 -2.36 -27.02
CA LYS D 29 34.86 -3.71 -26.48
C LYS D 29 33.83 -4.66 -27.07
N GLN D 30 32.89 -4.17 -27.87
CA GLN D 30 31.85 -5.02 -28.45
C GLN D 30 31.15 -5.83 -27.37
N GLN D 31 30.75 -5.13 -26.30
CA GLN D 31 30.08 -5.73 -25.16
C GLN D 31 28.85 -4.93 -24.80
N GLY D 32 27.78 -5.63 -24.44
CA GLY D 32 26.53 -5.00 -24.07
C GLY D 32 26.20 -5.17 -22.59
N PHE D 33 25.38 -4.26 -22.06
CA PHE D 33 25.01 -4.25 -20.65
C PHE D 33 23.57 -3.80 -20.51
N THR D 34 22.81 -4.47 -19.64
CA THR D 34 21.42 -4.11 -19.41
C THR D 34 20.97 -4.60 -18.05
N ASN D 35 19.93 -3.96 -17.53
CA ASN D 35 19.31 -4.39 -16.28
C ASN D 35 18.34 -5.55 -16.47
N ASN D 36 17.91 -5.84 -17.70
CA ASN D 36 16.83 -6.79 -17.92
C ASN D 36 17.00 -7.34 -19.34
N LEU D 37 17.63 -8.52 -19.43
CA LEU D 37 17.91 -9.11 -20.73
C LEU D 37 16.62 -9.36 -21.51
N LYS D 38 15.57 -9.83 -20.84
CA LYS D 38 14.32 -10.13 -21.52
C LYS D 38 13.71 -8.88 -22.14
N ARG D 39 13.50 -7.84 -21.33
CA ARG D 39 12.88 -6.63 -21.85
C ARG D 39 13.77 -5.94 -22.87
N ALA D 40 15.10 -6.09 -22.75
CA ALA D 40 16.00 -5.51 -23.75
C ALA D 40 15.68 -6.03 -25.14
N ASN D 41 15.11 -7.23 -25.24
CA ASN D 41 14.76 -7.83 -26.52
C ASN D 41 13.27 -7.80 -26.77
N GLN D 42 12.50 -7.13 -25.93
CA GLN D 42 11.07 -7.00 -26.16
C GLN D 42 10.81 -5.88 -27.16
N ALA D 43 9.97 -6.17 -28.15
CA ALA D 43 9.74 -5.26 -29.26
C ALA D 43 8.47 -4.44 -29.01
N PHE D 44 8.61 -3.12 -29.10
CA PHE D 44 7.52 -2.18 -28.89
C PHE D 44 7.34 -1.33 -30.14
N LEU D 45 6.21 -0.63 -30.20
CA LEU D 45 6.05 0.44 -31.16
C LEU D 45 7.20 1.44 -30.99
N PRO D 46 7.86 1.85 -32.08
CA PRO D 46 8.96 2.81 -31.94
C PRO D 46 8.50 4.23 -31.63
N ALA D 47 7.27 4.57 -31.99
CA ALA D 47 6.78 5.94 -31.87
C ALA D 47 7.80 6.91 -32.48
N SER D 48 8.07 8.03 -31.79
CA SER D 48 8.86 9.08 -32.42
C SER D 48 10.33 8.73 -32.61
N THR D 49 10.81 7.60 -32.05
CA THR D 49 12.15 7.16 -32.42
C THR D 49 12.21 6.78 -33.89
N PHE D 50 11.06 6.53 -34.51
CA PHE D 50 11.00 6.22 -35.93
C PHE D 50 11.36 7.42 -36.80
N KCX D 51 11.46 8.60 -36.20
CA KCX D 51 11.82 9.79 -36.97
CB KCX D 51 11.61 11.07 -36.13
CG KCX D 51 10.13 11.42 -35.96
CD KCX D 51 9.91 12.78 -35.32
CE KCX D 51 8.43 13.12 -35.26
NZ KCX D 51 7.67 12.17 -34.39
C KCX D 51 13.26 9.69 -37.46
O KCX D 51 13.64 10.41 -38.39
CX KCX D 51 6.93 11.19 -34.91
OQ1 KCX D 51 6.32 10.43 -34.14
OQ2 KCX D 51 6.83 11.06 -36.13
H KCX D 51 11.33 8.74 -35.36
HA KCX D 51 11.24 9.84 -37.75
HB2 KCX D 51 12.00 10.93 -35.25
HG2 KCX D 51 9.71 11.42 -36.83
HD2 KCX D 51 10.26 12.76 -34.41
HE2 KCX D 51 8.06 13.08 -36.15
N ILE D 52 14.05 8.80 -36.88
CA ILE D 52 15.41 8.58 -37.37
C ILE D 52 15.37 7.90 -38.74
N PRO D 53 14.80 6.69 -38.84
CA PRO D 53 14.72 6.07 -40.17
C PRO D 53 13.86 6.89 -41.14
N ASN D 54 12.78 7.48 -40.64
CA ASN D 54 11.92 8.30 -41.50
C ASN D 54 12.70 9.48 -42.09
N SER D 55 13.50 10.14 -41.27
CA SER D 55 14.34 11.24 -41.77
C SER D 55 15.31 10.74 -42.83
N LEU D 56 15.97 9.62 -42.57
CA LEU D 56 16.93 9.06 -43.51
C LEU D 56 16.27 8.80 -44.86
N ILE D 57 15.10 8.18 -44.83
CA ILE D 57 14.44 7.79 -46.07
C ILE D 57 13.99 9.03 -46.84
N ALA D 58 13.40 10.00 -46.14
CA ALA D 58 12.94 11.21 -46.80
C ALA D 58 14.10 11.96 -47.45
N LEU D 59 15.24 12.02 -46.77
CA LEU D 59 16.41 12.70 -47.33
C LEU D 59 16.92 11.97 -48.56
N ASP D 60 17.07 10.64 -48.47
CA ASP D 60 17.70 9.91 -49.56
C ASP D 60 16.83 9.92 -50.81
N LEU D 61 15.51 10.00 -50.64
CA LEU D 61 14.59 10.05 -51.77
C LEU D 61 14.34 11.45 -52.29
N GLY D 62 14.89 12.48 -51.64
CA GLY D 62 14.67 13.84 -52.06
C GLY D 62 13.37 14.45 -51.56
N VAL D 63 12.60 13.72 -50.74
CA VAL D 63 11.42 14.32 -50.13
C VAL D 63 11.83 15.52 -49.28
N VAL D 64 12.96 15.43 -48.60
CA VAL D 64 13.57 16.55 -47.90
C VAL D 64 14.88 16.86 -48.62
N LYS D 65 15.03 18.10 -49.09
CA LYS D 65 16.23 18.45 -49.86
C LYS D 65 17.44 18.58 -48.93
N ASP D 66 17.30 19.28 -47.82
CA ASP D 66 18.38 19.43 -46.86
C ASP D 66 17.78 19.83 -45.51
N GLU D 67 18.65 20.07 -44.53
CA GLU D 67 18.21 20.39 -43.18
C GLU D 67 17.70 21.82 -43.05
N HIS D 68 17.72 22.62 -44.12
CA HIS D 68 17.20 23.97 -44.09
C HIS D 68 15.80 24.11 -44.69
N GLN D 69 15.36 23.15 -45.50
CA GLN D 69 14.06 23.25 -46.13
C GLN D 69 12.98 23.45 -45.09
N VAL D 70 12.10 24.42 -45.31
CA VAL D 70 11.06 24.78 -44.36
C VAL D 70 9.78 24.04 -44.72
N PHE D 71 9.19 23.37 -43.74
CA PHE D 71 7.90 22.73 -43.88
C PHE D 71 6.87 23.56 -43.14
N LYS D 72 6.01 24.23 -43.90
CA LYS D 72 5.09 25.21 -43.33
C LYS D 72 4.03 24.54 -42.47
N TRP D 73 3.72 25.18 -41.35
CA TRP D 73 2.57 24.78 -40.54
C TRP D 73 1.33 24.75 -41.42
N ASP D 74 0.56 23.66 -41.32
CA ASP D 74 -0.65 23.52 -42.13
C ASP D 74 -1.83 24.33 -41.60
N GLY D 75 -1.64 25.11 -40.53
CA GLY D 75 -2.68 25.96 -40.01
C GLY D 75 -3.65 25.31 -39.06
N GLN D 76 -3.49 24.02 -38.78
CA GLN D 76 -4.34 23.30 -37.83
C GLN D 76 -3.73 23.40 -36.45
N THR D 77 -4.44 24.03 -35.52
CA THR D 77 -3.94 24.16 -34.15
C THR D 77 -4.02 22.81 -33.46
N ARG D 78 -2.88 22.30 -33.01
CA ARG D 78 -2.78 21.03 -32.30
C ARG D 78 -2.39 21.27 -30.84
N ASP D 79 -2.47 20.20 -30.05
CA ASP D 79 -2.35 20.33 -28.60
C ASP D 79 -0.93 20.64 -28.14
N ILE D 80 0.07 20.50 -29.00
CA ILE D 80 1.46 20.82 -28.67
C ILE D 80 1.83 22.12 -29.37
N ALA D 81 1.99 23.17 -28.57
CA ALA D 81 2.21 24.51 -29.12
C ALA D 81 3.38 24.54 -30.09
N THR D 82 4.48 23.85 -29.77
CA THR D 82 5.66 23.91 -30.62
C THR D 82 5.40 23.32 -32.00
N TRP D 83 4.33 22.54 -32.16
CA TRP D 83 3.98 21.99 -33.47
C TRP D 83 3.29 23.01 -34.36
N ASN D 84 2.71 24.06 -33.78
CA ASN D 84 1.91 25.01 -34.55
C ASN D 84 2.77 26.14 -35.10
N ARG D 85 3.79 25.77 -35.85
CA ARG D 85 4.73 26.73 -36.43
C ARG D 85 5.47 26.04 -37.57
N ASP D 86 6.21 26.83 -38.34
CA ASP D 86 7.04 26.26 -39.38
C ASP D 86 8.21 25.52 -38.77
N HIS D 87 8.69 24.49 -39.49
CA HIS D 87 9.81 23.69 -39.02
C HIS D 87 10.72 23.34 -40.19
N ASN D 88 11.97 23.06 -39.85
CA ASN D 88 12.90 22.35 -40.73
C ASN D 88 13.21 21.00 -40.10
N LEU D 89 14.10 20.24 -40.75
CA LEU D 89 14.42 18.91 -40.25
C LEU D 89 14.97 18.96 -38.84
N ILE D 90 15.81 19.96 -38.54
CA ILE D 90 16.42 20.06 -37.21
C ILE D 90 15.34 20.30 -36.17
N THR D 91 14.52 21.34 -36.38
CA THR D 91 13.51 21.69 -35.40
C THR D 91 12.40 20.64 -35.32
N ALA D 92 12.09 20.00 -36.45
CA ALA D 92 11.07 18.95 -36.44
C ALA D 92 11.49 17.78 -35.57
N MET D 93 12.78 17.41 -35.63
CA MET D 93 13.32 16.38 -34.76
C MET D 93 13.30 16.84 -33.31
N LYS D 94 13.82 18.04 -33.05
CA LYS D 94 13.92 18.56 -31.70
C LYS D 94 12.58 18.53 -30.98
N TYR D 95 11.52 18.94 -31.66
CA TYR D 95 10.20 19.04 -31.05
C TYR D 95 9.29 17.86 -31.42
N SER D 96 9.85 16.83 -32.04
N SER D 96 9.83 16.82 -32.05
CA SER D 96 9.12 15.61 -32.39
CA SER D 96 9.05 15.61 -32.33
C SER D 96 7.80 15.94 -33.06
C SER D 96 7.76 15.94 -33.07
N VAL D 97 7.88 16.73 -34.14
CA VAL D 97 6.72 17.26 -34.83
C VAL D 97 6.07 16.18 -35.70
N VAL D 98 5.15 15.41 -35.12
CA VAL D 98 4.50 14.32 -35.84
C VAL D 98 3.94 14.75 -37.19
N PRO D 99 3.14 15.82 -37.29
CA PRO D 99 2.50 16.12 -38.58
C PRO D 99 3.48 16.35 -39.72
N VAL D 100 4.67 16.89 -39.45
CA VAL D 100 5.65 17.04 -40.50
C VAL D 100 6.10 15.68 -41.02
N TYR D 101 6.35 14.74 -40.12
CA TYR D 101 6.82 13.43 -40.52
C TYR D 101 5.72 12.59 -41.14
N GLN D 102 4.46 12.86 -40.78
CA GLN D 102 3.36 12.22 -41.47
C GLN D 102 3.34 12.63 -42.94
N GLU D 103 3.57 13.93 -43.21
CA GLU D 103 3.66 14.38 -44.59
C GLU D 103 4.84 13.70 -45.29
N PHE D 104 5.99 13.61 -44.63
CA PHE D 104 7.11 12.85 -45.18
C PHE D 104 6.66 11.45 -45.60
N ALA D 105 6.03 10.73 -44.68
CA ALA D 105 5.69 9.34 -44.93
C ALA D 105 4.72 9.19 -46.11
N ARG D 106 3.73 10.08 -46.19
CA ARG D 106 2.81 10.02 -47.32
C ARG D 106 3.54 10.20 -48.64
N GLN D 107 4.52 11.10 -48.68
CA GLN D 107 5.26 11.32 -49.92
C GLN D 107 6.21 10.16 -50.21
N ILE D 108 6.76 9.55 -49.16
CA ILE D 108 7.57 8.35 -49.35
C ILE D 108 6.74 7.25 -49.97
N GLY D 109 5.59 6.97 -49.38
CA GLY D 109 4.70 5.94 -49.88
C GLY D 109 4.97 4.58 -49.29
N GLU D 110 3.93 3.73 -49.32
CA GLU D 110 4.02 2.42 -48.70
C GLU D 110 5.16 1.60 -49.28
N ALA D 111 5.23 1.52 -50.62
CA ALA D 111 6.19 0.62 -51.25
C ALA D 111 7.62 0.99 -50.90
N ARG D 112 7.98 2.27 -51.03
CA ARG D 112 9.36 2.68 -50.76
C ARG D 112 9.68 2.60 -49.27
N MET D 113 8.70 2.92 -48.42
CA MET D 113 8.90 2.79 -46.98
C MET D 113 9.21 1.34 -46.60
N SER D 114 8.39 0.40 -47.11
CA SER D 114 8.61 -1.00 -46.80
C SER D 114 9.98 -1.47 -47.28
N LYS D 115 10.33 -1.12 -48.52
CA LYS D 115 11.62 -1.54 -49.07
C LYS D 115 12.77 -1.01 -48.22
N MET D 116 12.68 0.24 -47.79
CA MET D 116 13.77 0.86 -47.03
C MET D 116 13.92 0.23 -45.65
N LEU D 117 12.81 -0.06 -44.97
CA LEU D 117 12.91 -0.67 -43.65
C LEU D 117 13.47 -2.09 -43.73
N HIS D 118 13.13 -2.84 -44.79
CA HIS D 118 13.77 -4.12 -44.98
C HIS D 118 15.27 -3.95 -45.23
N ALA D 119 15.63 -2.96 -46.05
CA ALA D 119 17.05 -2.66 -46.27
C ALA D 119 17.74 -2.28 -44.97
N PHE D 120 17.04 -1.60 -44.07
CA PHE D 120 17.61 -1.22 -42.78
C PHE D 120 17.63 -2.36 -41.77
N ASP D 121 16.99 -3.49 -42.06
CA ASP D 121 16.86 -4.58 -41.10
C ASP D 121 16.20 -4.08 -39.81
N TYR D 122 15.21 -3.21 -39.98
CA TYR D 122 14.66 -2.42 -38.88
C TYR D 122 13.51 -3.17 -38.21
N GLY D 123 13.73 -3.60 -36.97
CA GLY D 123 12.66 -4.21 -36.20
C GLY D 123 12.03 -5.39 -36.94
N ASN D 124 10.71 -5.49 -36.86
CA ASN D 124 10.01 -6.54 -37.57
C ASN D 124 9.67 -6.16 -39.01
N GLU D 125 10.10 -4.98 -39.46
CA GLU D 125 9.98 -4.57 -40.87
C GLU D 125 8.52 -4.55 -41.35
N ASP D 126 7.57 -4.41 -40.43
CA ASP D 126 6.14 -4.52 -40.74
C ASP D 126 5.51 -3.12 -40.63
N ILE D 127 5.14 -2.55 -41.77
CA ILE D 127 4.54 -1.22 -41.80
C ILE D 127 3.01 -1.28 -41.90
N SER D 128 2.42 -2.43 -41.55
CA SER D 128 0.96 -2.57 -41.64
C SER D 128 0.27 -1.45 -40.89
N GLY D 129 -0.78 -0.91 -41.51
CA GLY D 129 -1.49 0.22 -40.95
C GLY D 129 -1.45 1.41 -41.88
N ASN D 130 -1.73 2.60 -41.35
CA ASN D 130 -1.67 3.81 -42.17
C ASN D 130 -0.21 4.15 -42.45
N VAL D 131 0.07 4.49 -43.71
CA VAL D 131 1.45 4.84 -44.07
C VAL D 131 1.95 6.01 -43.24
N ASP D 132 1.05 6.87 -42.78
CA ASP D 132 1.40 8.06 -42.02
C ASP D 132 1.16 7.92 -40.53
N SER D 133 0.98 6.70 -40.00
CA SER D 133 0.86 6.54 -38.56
C SER D 133 1.29 5.17 -38.06
N PHE D 134 1.82 4.28 -38.90
CA PHE D 134 2.07 2.91 -38.48
C PHE D 134 3.08 2.83 -37.34
N TRP D 135 4.00 3.79 -37.24
CA TRP D 135 4.97 3.79 -36.15
C TRP D 135 4.36 4.26 -34.83
N LEU D 136 3.12 4.76 -34.86
CA LEU D 136 2.38 5.15 -33.67
C LEU D 136 1.26 4.19 -33.30
N ASP D 137 0.60 3.57 -34.29
CA ASP D 137 -0.51 2.66 -34.00
C ASP D 137 -0.63 1.54 -35.03
N GLY D 138 0.43 1.24 -35.79
CA GLY D 138 0.43 0.14 -36.73
C GLY D 138 1.16 -1.07 -36.21
N GLY D 139 1.66 -1.88 -37.15
CA GLY D 139 2.24 -3.16 -36.87
C GLY D 139 3.74 -3.21 -36.64
N ILE D 140 4.45 -2.09 -36.79
CA ILE D 140 5.90 -2.11 -36.66
C ILE D 140 6.28 -2.27 -35.19
N ARG D 141 7.32 -3.08 -34.94
CA ARG D 141 7.81 -3.33 -33.60
C ARG D 141 9.33 -3.41 -33.64
N ILE D 142 9.97 -2.91 -32.59
CA ILE D 142 11.43 -2.92 -32.50
C ILE D 142 11.82 -2.99 -31.03
N SER D 143 12.87 -3.74 -30.73
CA SER D 143 13.38 -3.87 -29.37
C SER D 143 14.51 -2.87 -29.14
N ALA D 144 14.86 -2.71 -27.85
CA ALA D 144 15.98 -1.85 -27.50
C ALA D 144 17.28 -2.33 -28.14
N THR D 145 17.54 -3.64 -28.12
CA THR D 145 18.75 -4.16 -28.74
C THR D 145 18.74 -3.95 -30.24
N GLU D 146 17.56 -4.05 -30.87
CA GLU D 146 17.46 -3.79 -32.30
C GLU D 146 17.66 -2.31 -32.61
N GLN D 147 17.23 -1.42 -31.72
CA GLN D 147 17.52 0.00 -31.88
C GLN D 147 19.02 0.24 -31.92
N ILE D 148 19.76 -0.39 -31.00
CA ILE D 148 21.21 -0.24 -30.97
C ILE D 148 21.83 -0.76 -32.26
N SER D 149 21.40 -1.95 -32.70
CA SER D 149 21.95 -2.51 -33.93
C SER D 149 21.76 -1.53 -35.08
N PHE D 150 20.56 -0.94 -35.18
CA PHE D 150 20.28 0.03 -36.23
C PHE D 150 21.14 1.28 -36.05
N LEU D 151 21.27 1.76 -34.82
CA LEU D 151 22.03 2.97 -34.57
C LEU D 151 23.52 2.77 -34.89
N ARG D 152 24.05 1.59 -34.60
CA ARG D 152 25.47 1.35 -34.90
C ARG D 152 25.73 1.47 -36.40
N LYS D 153 24.84 0.93 -37.23
CA LYS D 153 24.98 1.09 -38.67
C LYS D 153 24.97 2.57 -39.04
N LEU D 154 24.01 3.31 -38.49
CA LEU D 154 23.94 4.75 -38.75
C LEU D 154 25.23 5.43 -38.36
N TYR D 155 25.73 5.14 -37.15
CA TYR D 155 26.96 5.77 -36.70
C TYR D 155 28.10 5.53 -37.68
N HIS D 156 28.20 4.31 -38.21
CA HIS D 156 29.27 3.93 -39.11
C HIS D 156 28.94 4.20 -40.57
N ASN D 157 27.84 4.89 -40.85
CA ASN D 157 27.43 5.19 -42.22
C ASN D 157 27.22 3.91 -43.04
N LYS D 158 26.77 2.84 -42.37
CA LYS D 158 26.61 1.53 -43.02
C LYS D 158 25.18 1.25 -43.48
N LEU D 159 24.24 2.16 -43.24
CA LEU D 159 22.89 1.95 -43.75
C LEU D 159 22.87 2.19 -45.26
N HIS D 160 21.92 1.55 -45.92
CA HIS D 160 21.85 1.60 -47.40
C HIS D 160 21.07 2.83 -47.87
N VAL D 161 21.58 3.97 -47.41
CA VAL D 161 21.28 5.28 -47.97
C VAL D 161 22.62 5.99 -48.08
N SER D 162 22.62 7.15 -48.73
CA SER D 162 23.89 7.83 -48.98
C SER D 162 24.54 8.25 -47.67
N GLU D 163 25.86 8.43 -47.71
CA GLU D 163 26.57 8.98 -46.56
C GLU D 163 25.98 10.33 -46.16
N ARG D 164 25.66 11.16 -47.15
CA ARG D 164 25.10 12.49 -46.86
C ARG D 164 23.84 12.39 -46.03
N SER D 165 22.90 11.53 -46.44
CA SER D 165 21.66 11.39 -45.69
C SER D 165 21.95 11.03 -44.25
N GLN D 166 22.92 10.13 -44.04
CA GLN D 166 23.22 9.68 -42.68
C GLN D 166 23.90 10.79 -41.88
N ARG D 167 24.78 11.56 -42.50
CA ARG D 167 25.40 12.69 -41.79
C ARG D 167 24.36 13.70 -41.37
N ILE D 168 23.40 14.02 -42.24
CA ILE D 168 22.41 15.03 -41.93
C ILE D 168 21.55 14.58 -40.76
N VAL D 169 21.11 13.32 -40.77
CA VAL D 169 20.26 12.83 -39.69
C VAL D 169 21.02 12.84 -38.37
N LYS D 170 22.29 12.45 -38.39
CA LYS D 170 23.08 12.49 -37.17
C LYS D 170 23.27 13.91 -36.68
N GLN D 171 23.38 14.88 -37.60
CA GLN D 171 23.35 16.28 -37.19
C GLN D 171 22.02 16.60 -36.51
N ALA D 172 20.91 16.18 -37.11
CA ALA D 172 19.60 16.47 -36.55
C ALA D 172 19.35 15.74 -35.23
N MET D 173 20.07 14.66 -34.97
CA MET D 173 19.94 13.95 -33.70
C MET D 173 20.69 14.63 -32.56
N LEU D 174 21.51 15.64 -32.86
CA LEU D 174 22.29 16.29 -31.81
C LEU D 174 21.38 16.78 -30.70
N THR D 175 21.65 16.32 -29.49
CA THR D 175 20.83 16.62 -28.32
C THR D 175 21.60 17.40 -27.26
N GLU D 176 22.85 17.02 -27.00
CA GLU D 176 23.64 17.66 -25.96
C GLU D 176 25.11 17.54 -26.32
N ALA D 177 25.87 18.59 -26.04
CA ALA D 177 27.31 18.57 -26.27
C ALA D 177 27.98 19.48 -25.25
N ASN D 178 29.07 19.00 -24.67
CA ASN D 178 29.89 19.79 -23.78
C ASN D 178 31.32 19.27 -23.88
N GLY D 179 32.19 19.74 -22.99
CA GLY D 179 33.58 19.32 -23.04
C GLY D 179 33.81 17.87 -22.67
N ASP D 180 32.79 17.19 -22.16
CA ASP D 180 32.93 15.82 -21.68
C ASP D 180 32.33 14.77 -22.61
N TYR D 181 31.25 15.10 -23.32
CA TYR D 181 30.61 14.12 -24.18
C TYR D 181 29.68 14.83 -25.17
N ILE D 182 29.26 14.08 -26.18
CA ILE D 182 28.24 14.47 -27.13
C ILE D 182 27.17 13.39 -27.12
N ILE D 183 25.91 13.79 -27.03
CA ILE D 183 24.79 12.85 -27.13
C ILE D 183 24.02 13.16 -28.41
N ARG D 184 23.90 12.14 -29.26
CA ARG D 184 22.98 12.15 -30.39
C ARG D 184 21.91 11.11 -30.10
N ALA D 185 20.65 11.52 -30.10
CA ALA D 185 19.58 10.66 -29.59
C ALA D 185 18.24 11.15 -30.12
N LYS D 186 17.22 10.34 -29.88
CA LYS D 186 15.83 10.68 -30.21
C LYS D 186 14.90 10.12 -29.16
N THR D 187 13.99 10.96 -28.68
CA THR D 187 12.97 10.52 -27.73
C THR D 187 11.79 9.88 -28.46
N GLY D 188 11.04 9.07 -27.73
CA GLY D 188 9.81 8.51 -28.24
C GLY D 188 8.80 8.41 -27.12
N TYR D 189 7.52 8.52 -27.49
CA TYR D 189 6.42 8.45 -26.54
C TYR D 189 5.26 7.72 -27.23
N SER D 190 5.00 6.48 -26.82
CA SER D 190 3.99 5.64 -27.45
C SER D 190 2.74 5.64 -26.57
N THR D 191 1.65 6.22 -27.08
CA THR D 191 0.41 6.36 -26.33
C THR D 191 -0.82 5.77 -27.01
N ARG D 192 -0.77 5.47 -28.30
CA ARG D 192 -1.99 5.10 -29.01
C ARG D 192 -2.37 3.65 -28.77
N ILE D 193 -1.41 2.80 -28.45
CA ILE D 193 -1.62 1.37 -28.22
C ILE D 193 -0.91 0.98 -26.93
N GLU D 194 -1.60 0.19 -26.10
CA GLU D 194 -1.00 -0.25 -24.86
C GLU D 194 0.11 -1.26 -25.15
N PRO D 195 1.16 -1.31 -24.31
CA PRO D 195 1.36 -0.46 -23.13
C PRO D 195 1.99 0.89 -23.48
N LYS D 196 1.55 1.95 -22.81
CA LYS D 196 2.16 3.25 -23.01
C LYS D 196 3.58 3.23 -22.48
N ILE D 197 4.54 3.64 -23.31
CA ILE D 197 5.94 3.62 -22.95
C ILE D 197 6.62 4.89 -23.46
N GLY D 198 7.77 5.18 -22.87
CA GLY D 198 8.67 6.19 -23.40
C GLY D 198 9.97 5.56 -23.87
N TRP D 199 10.54 6.14 -24.92
CA TRP D 199 11.83 5.71 -25.46
C TRP D 199 12.86 6.81 -25.29
N TRP D 200 14.13 6.40 -25.20
CA TRP D 200 15.25 7.27 -25.52
C TRP D 200 16.34 6.39 -26.11
N VAL D 201 16.73 6.66 -27.35
CA VAL D 201 17.73 5.85 -28.04
C VAL D 201 18.74 6.78 -28.69
N GLY D 202 20.01 6.36 -28.71
CA GLY D 202 21.07 7.15 -29.31
C GLY D 202 22.43 6.63 -28.90
N TRP D 203 23.37 7.55 -28.77
CA TRP D 203 24.70 7.16 -28.32
C TRP D 203 25.40 8.34 -27.66
N VAL D 204 26.43 8.02 -26.89
CA VAL D 204 27.27 8.99 -26.19
C VAL D 204 28.65 8.92 -26.82
N GLU D 205 29.09 10.02 -27.40
CA GLU D 205 30.43 10.08 -27.99
C GLU D 205 31.42 10.58 -26.96
N LEU D 206 32.48 9.80 -26.74
CA LEU D 206 33.60 10.21 -25.91
C LEU D 206 34.83 10.41 -26.77
N ASP D 207 35.90 10.92 -26.15
CA ASP D 207 37.14 11.13 -26.88
C ASP D 207 37.60 9.86 -27.58
N ASP D 208 37.53 8.73 -26.90
CA ASP D 208 38.16 7.50 -27.39
C ASP D 208 37.21 6.31 -27.48
N ASN D 209 35.90 6.53 -27.36
CA ASN D 209 34.94 5.43 -27.38
C ASN D 209 33.57 6.03 -27.64
N VAL D 210 32.63 5.16 -28.00
CA VAL D 210 31.23 5.53 -28.15
C VAL D 210 30.39 4.49 -27.42
N TRP D 211 29.44 4.96 -26.63
CA TRP D 211 28.50 4.11 -25.92
C TRP D 211 27.13 4.30 -26.56
N PHE D 212 26.62 3.26 -27.21
CA PHE D 212 25.26 3.29 -27.73
C PHE D 212 24.30 2.93 -26.61
N PHE D 213 23.12 3.55 -26.63
CA PHE D 213 22.13 3.28 -25.60
C PHE D 213 20.74 3.24 -26.21
N ALA D 214 19.88 2.44 -25.59
CA ALA D 214 18.46 2.39 -25.91
C ALA D 214 17.72 2.01 -24.64
N MET D 215 16.76 2.83 -24.24
CA MET D 215 15.97 2.59 -23.05
C MET D 215 14.51 2.77 -23.39
N ASN D 216 13.66 1.98 -22.73
CA ASN D 216 12.24 2.27 -22.69
C ASN D 216 11.73 1.98 -21.29
N MET D 217 10.57 2.57 -20.98
CA MET D 217 10.01 2.46 -19.64
C MET D 217 8.50 2.67 -19.74
N ASP D 218 7.78 2.01 -18.84
CA ASP D 218 6.34 2.23 -18.76
C ASP D 218 6.06 3.71 -18.50
N MET D 219 5.07 4.25 -19.20
CA MET D 219 4.75 5.68 -19.16
C MET D 219 3.25 5.85 -19.09
N PRO D 220 2.64 5.49 -17.95
CA PRO D 220 1.18 5.63 -17.83
C PRO D 220 0.70 7.06 -17.95
N THR D 221 1.52 8.04 -17.58
CA THR D 221 1.17 9.44 -17.74
C THR D 221 2.38 10.20 -18.30
N SER D 222 2.09 11.35 -18.91
CA SER D 222 3.15 12.20 -19.43
C SER D 222 4.00 12.84 -18.33
N ASP D 223 3.60 12.71 -17.07
CA ASP D 223 4.33 13.35 -15.98
C ASP D 223 5.75 12.80 -15.86
N GLY D 224 5.98 11.57 -16.26
CA GLY D 224 7.27 10.92 -16.11
C GLY D 224 8.18 10.97 -17.31
N LEU D 225 7.87 11.79 -18.31
CA LEU D 225 8.66 11.79 -19.54
C LEU D 225 10.10 12.16 -19.28
N GLY D 226 10.34 13.08 -18.34
CA GLY D 226 11.71 13.46 -18.02
C GLY D 226 12.55 12.33 -17.48
N LEU D 227 11.92 11.25 -17.02
CA LEU D 227 12.67 10.11 -16.48
C LEU D 227 13.39 9.32 -17.57
N ARG D 228 12.95 9.44 -18.83
CA ARG D 228 13.66 8.74 -19.90
C ARG D 228 15.12 9.14 -19.93
N GLN D 229 15.38 10.45 -19.94
CA GLN D 229 16.76 10.95 -19.95
C GLN D 229 17.40 10.84 -18.57
N ALA D 230 16.63 11.12 -17.51
CA ALA D 230 17.20 11.15 -16.16
C ALA D 230 17.67 9.77 -15.73
N ILE D 231 16.86 8.73 -15.93
CA ILE D 231 17.26 7.39 -15.56
C ILE D 231 18.47 6.96 -16.38
N THR D 232 18.44 7.21 -17.70
CA THR D 232 19.57 6.85 -18.55
C THR D 232 20.85 7.47 -18.04
N LYS D 233 20.80 8.76 -17.69
CA LYS D 233 22.00 9.45 -17.23
C LYS D 233 22.46 8.95 -15.87
N GLU D 234 21.53 8.52 -15.01
CA GLU D 234 21.95 7.92 -13.75
C GLU D 234 22.75 6.66 -13.98
N VAL D 235 22.32 5.83 -14.94
CA VAL D 235 23.08 4.63 -15.30
C VAL D 235 24.43 5.02 -15.88
N LEU D 236 24.44 5.99 -16.80
CA LEU D 236 25.72 6.40 -17.39
C LEU D 236 26.67 6.92 -16.33
N LYS D 237 26.17 7.72 -15.40
CA LYS D 237 27.01 8.21 -14.31
C LYS D 237 27.48 7.05 -13.42
N GLN D 238 26.57 6.14 -13.09
CA GLN D 238 26.95 4.98 -12.28
C GLN D 238 28.07 4.18 -12.92
N GLU D 239 28.00 3.99 -14.23
CA GLU D 239 29.03 3.22 -14.94
C GLU D 239 30.23 4.07 -15.31
N LYS D 240 30.35 5.28 -14.76
CA LYS D 240 31.51 6.13 -14.97
C LYS D 240 31.72 6.45 -16.43
N ILE D 241 30.63 6.49 -17.21
CA ILE D 241 30.70 6.86 -18.61
C ILE D 241 30.65 8.38 -18.78
N ILE D 242 29.85 9.06 -17.96
CA ILE D 242 29.81 10.52 -17.96
C ILE D 242 30.02 10.98 -16.53
N PRO D 243 30.54 12.20 -16.30
CA PRO D 243 30.76 12.68 -14.94
C PRO D 243 29.44 12.83 -14.17
C QKU E . -20.89 -5.75 -1.42
O QKU E . -21.69 -6.42 -0.71
C1 QKU E . -19.62 -5.26 -0.76
C10 QKU E . -14.84 -7.63 2.20
C11 QKU E . -14.29 -7.63 3.61
C12 QKU E . -15.90 -6.79 1.87
C13 QKU E . -18.64 -6.17 -0.37
C2 QKU E . -19.41 -3.90 -0.56
C3 QKU E . -18.24 -3.46 0.03
C4 QKU E . -17.27 -4.37 0.41
C5 QKU E . -17.45 -5.74 0.20
C6 QKU E . -16.38 -6.71 0.56
C7 QKU E . -15.79 -7.50 -0.41
C8 QKU E . -14.73 -8.35 -0.08
C9 QKU E . -14.27 -8.41 1.22
O1 QKU E . -13.33 -6.62 3.82
O2 QKU E . -21.08 -5.46 -2.62
H6 QKU E . -13.76 -8.57 3.78
H7 QKU E . -15.09 -7.59 4.35
H9 QKU E . -16.38 -6.20 2.64
H10 QKU E . -18.82 -7.24 -0.53
H QKU E . -20.18 -3.20 -0.86
H1 QKU E . -18.07 -2.40 0.19
H2 QKU E . -16.35 -4.01 0.87
H3 QKU E . -16.15 -7.48 -1.44
H4 QKU E . -14.29 -8.97 -0.86
H5 QKU E . -13.44 -9.07 1.46
H8 QKU E . -12.49 -6.91 3.39
CL CL F . -36.08 9.08 -0.29
C1 EDO G . -28.62 13.34 1.31
O1 EDO G . -28.32 13.97 2.56
C2 EDO G . -27.39 13.38 0.40
O2 EDO G . -27.03 14.75 0.11
H11 EDO G . -28.91 12.30 1.47
H12 EDO G . -29.45 13.86 0.83
HO1 EDO G . -29.10 13.93 3.13
H21 EDO G . -26.56 12.88 0.87
H22 EDO G . -27.62 12.87 -0.54
HO2 EDO G . -26.26 14.76 -0.46
C QKU H . -1.16 -20.79 7.42
O QKU H . -0.38 -21.26 6.57
C1 QKU H . -2.59 -21.28 7.42
C10 QKU H . -8.04 -18.79 6.56
C11 QKU H . -9.15 -18.30 7.45
C12 QKU H . -7.03 -19.59 7.07
C13 QKU H . -3.60 -20.47 6.88
C2 QKU H . -2.91 -22.54 7.90
C3 QKU H . -4.21 -22.99 7.86
C4 QKU H . -5.21 -22.19 7.33
C5 QKU H . -4.92 -20.92 6.84
C6 QKU H . -5.99 -20.06 6.27
C7 QKU H . -5.98 -19.70 4.92
C8 QKU H . -6.99 -18.91 4.40
C9 QKU H . -8.00 -18.46 5.21
O1 QKU H . -10.41 -18.87 7.11
O2 QKU H . -0.83 -19.94 8.29
H6 QKU H . -9.28 -17.23 7.31
H7 QKU H . -8.92 -18.45 8.50
H9 QKU H . -7.04 -19.86 8.13
H10 QKU H . -3.34 -19.48 6.51
H QKU H . -2.12 -23.16 8.32
H1 QKU H . -4.46 -23.98 8.25
H2 QKU H . -6.23 -22.56 7.30
H3 QKU H . -5.18 -20.06 4.28
H4 QKU H . -6.97 -18.65 3.34
H5 QKU H . -8.79 -17.83 4.79
H8 QKU H . -10.39 -19.08 6.14
CL CL I . 10.56 -32.46 20.50
C1 EDO J . 18.75 -10.19 20.50
O1 EDO J . 18.86 -9.92 19.11
C2 EDO J . 17.37 -10.75 20.79
O2 EDO J . 17.20 -10.82 22.22
H11 EDO J . 19.51 -10.92 20.80
H12 EDO J . 18.91 -9.27 21.07
HO1 EDO J . 19.74 -9.56 18.91
H21 EDO J . 17.26 -11.74 20.36
H22 EDO J . 16.61 -10.09 20.36
HO2 EDO J . 16.32 -11.17 22.42
C1 EDO K . 4.03 -2.16 9.69
O1 EDO K . 4.44 -1.30 8.62
C2 EDO K . 2.52 -2.33 9.64
O2 EDO K . 2.00 -1.77 8.43
H11 EDO K . 4.51 -3.13 9.58
H12 EDO K . 4.33 -1.74 10.64
HO1 EDO K . 5.40 -1.19 8.64
H21 EDO K . 2.07 -1.82 10.50
H22 EDO K . 2.26 -3.39 9.71
HO2 EDO K . 1.04 -1.88 8.40
C1 EDO L . -13.74 -25.22 18.14
O1 EDO L . -14.18 -26.28 17.28
C2 EDO L . -13.50 -25.76 19.55
O2 EDO L . -12.57 -26.84 19.50
H11 EDO L . -12.83 -24.77 17.76
H12 EDO L . -14.51 -24.44 18.18
HO1 EDO L . -14.32 -25.93 16.39
H21 EDO L . -13.11 -24.96 20.19
H22 EDO L . -14.44 -26.10 19.98
HO2 EDO L . -12.42 -27.18 20.40
C1 EDO M . 19.02 -28.77 21.49
O1 EDO M . 18.55 -28.04 22.64
C2 EDO M . 18.99 -27.88 20.26
O2 EDO M . 19.86 -26.75 20.40
H11 EDO M . 20.04 -29.11 21.67
H12 EDO M . 18.39 -29.65 21.32
HO1 EDO M . 18.57 -28.62 23.41
H21 EDO M . 19.30 -28.46 19.39
H22 EDO M . 17.98 -27.53 20.08
HO2 EDO M . 19.82 -26.21 19.59
C QKU N . 3.78 23.34 17.34
O QKU N . 3.96 22.24 16.78
C1 QKU N . 2.67 24.22 16.84
C10 QKU N . -3.32 23.64 16.18
C11 QKU N . -4.24 23.26 15.05
C12 QKU N . -1.98 23.88 15.94
C13 QKU N . 1.34 23.88 17.09
C2 QKU N . 2.94 25.37 16.11
C3 QKU N . 1.92 26.17 15.65
C4 QKU N . 0.61 25.82 15.91
C5 QKU N . 0.29 24.68 16.63
C6 QKU N . -1.12 24.33 16.94
C7 QKU N . -1.63 24.47 18.23
C8 QKU N . -2.97 24.21 18.49
C9 QKU N . -3.81 23.80 17.47
O1 QKU N . -4.99 24.36 14.58
O2 QKU N . 4.47 23.77 18.29
H6 QKU N . -4.98 22.54 15.41
H7 QKU N . -3.72 22.77 14.23
H9 QKU N . -1.57 23.73 14.93
H10 QKU N . 1.13 22.97 17.66
H QKU N . 3.98 25.63 15.92
H1 QKU N . 2.14 27.07 15.09
H2 QKU N . -0.21 26.46 15.55
H3 QKU N . -0.98 24.81 19.03
H4 QKU N . -3.35 24.33 19.50
H5 QKU N . -4.86 23.60 17.68
H8 QKU N . -5.89 24.02 14.30
C1 EDO O . 19.03 4.14 12.99
O1 EDO O . 17.79 4.65 13.53
C2 EDO O . 19.65 5.20 12.09
O2 EDO O . 20.22 4.57 10.94
H11 EDO O . 19.71 3.89 13.80
H12 EDO O . 18.83 3.24 12.41
HO1 EDO O . 17.40 3.97 14.10
H21 EDO O . 18.90 5.93 11.79
H22 EDO O . 20.44 5.73 12.64
HO2 EDO O . 20.61 5.25 10.37
C1 EDO P . 23.88 -4.84 -30.29
O1 EDO P . 24.33 -6.19 -30.13
C2 EDO P . 24.18 -4.38 -31.71
O2 EDO P . 25.59 -4.47 -31.94
H11 EDO P . 22.80 -4.79 -30.12
H12 EDO P . 24.37 -4.19 -29.57
HO1 EDO P . 24.14 -6.50 -29.24
H21 EDO P . 23.64 -4.99 -32.43
H22 EDO P . 23.85 -3.34 -31.84
HO2 EDO P . 25.78 -4.18 -32.85
#